data_8CO3
#
_entry.id   8CO3
#
_cell.length_a   46.780
_cell.length_b   67.480
_cell.length_c   81.000
_cell.angle_alpha   81.47
_cell.angle_beta   84.09
_cell.angle_gamma   86.45
#
_symmetry.space_group_name_H-M   'P 1'
#
loop_
_entity.id
_entity.type
_entity.pdbx_description
1 polymer 'Carbonic anhydrase 12'
2 non-polymer 'ZINC ION'
3 non-polymer 5-(5-methyl-6-quinolin-5-yl-pyridin-3-yl)thiophene-2-sulfonamide
4 water water
#
_entity_poly.entity_id   1
_entity_poly.type   'polypeptide(L)'
_entity_poly.pdbx_seq_one_letter_code
;ASKWTYFGPDGENSWSKKYPSCGGLLQSPIDLHSDILQYDASLTPLEFQGYNLSANKQFLLTNNGHSVKLNLPSDMHIQG
LQSRYSATQLHLHWGNPNDPHGSEHTVSGQHFAAELHIVHYNSDLYPDASTASNKSEGLAVLAVLIEMGSFNPSYDKIFS
HLQHVKYKGQEAFVPGFNIEELLPERTAEYYRYRGSLTTPPCNPTVLWTVFRNPVQISQEQLLALETALYCTHMDDPSPR
EMINNFRQVQKFDERLVYTSFSQ
;
_entity_poly.pdbx_strand_id   A,B,C,D
#
# COMPACT_ATOMS: atom_id res chain seq x y z
N LYS A 3 6.01 -39.21 -1.45
CA LYS A 3 5.98 -39.94 -2.75
C LYS A 3 5.25 -39.09 -3.80
N TRP A 4 5.86 -37.97 -4.21
CA TRP A 4 5.14 -36.88 -4.86
C TRP A 4 5.98 -36.24 -5.97
N THR A 5 5.29 -35.65 -6.96
CA THR A 5 5.92 -34.98 -8.09
C THR A 5 5.19 -33.68 -8.42
N TYR A 6 5.65 -33.01 -9.49
CA TYR A 6 4.94 -31.86 -10.05
C TYR A 6 4.27 -32.16 -11.40
N PHE A 7 4.21 -33.44 -11.80
CA PHE A 7 3.69 -33.83 -13.10
C PHE A 7 3.02 -35.20 -12.99
N GLY A 8 1.92 -35.39 -13.73
CA GLY A 8 1.30 -36.70 -13.86
C GLY A 8 0.59 -37.15 -12.57
N PRO A 9 0.35 -38.47 -12.37
CA PRO A 9 -0.53 -38.96 -11.31
C PRO A 9 -0.13 -38.66 -9.86
N ASP A 10 1.16 -38.40 -9.61
CA ASP A 10 1.61 -38.05 -8.26
C ASP A 10 1.81 -36.53 -8.15
N GLY A 11 1.24 -35.77 -9.10
CA GLY A 11 1.33 -34.31 -9.13
C GLY A 11 0.38 -33.61 -8.14
N GLU A 12 0.31 -32.28 -8.22
CA GLU A 12 -0.15 -31.46 -7.10
C GLU A 12 -1.63 -31.65 -6.75
N ASN A 13 -2.51 -31.96 -7.73
CA ASN A 13 -3.91 -32.20 -7.46
C ASN A 13 -4.07 -33.49 -6.62
N SER A 14 -3.02 -34.32 -6.54
CA SER A 14 -3.09 -35.55 -5.76
C SER A 14 -2.30 -35.50 -4.46
N TRP A 15 -1.58 -34.40 -4.20
CA TRP A 15 -0.82 -34.31 -2.96
C TRP A 15 -1.67 -34.58 -1.73
N SER A 16 -2.96 -34.15 -1.76
CA SER A 16 -3.83 -34.27 -0.60
C SER A 16 -4.15 -35.72 -0.27
N LYS A 17 -3.95 -36.64 -1.23
CA LYS A 17 -4.20 -38.06 -0.99
C LYS A 17 -3.12 -38.64 -0.08
N LYS A 18 -1.95 -38.00 -0.05
CA LYS A 18 -0.80 -38.51 0.70
C LYS A 18 -0.45 -37.63 1.90
N TYR A 19 -0.79 -36.34 1.82
CA TYR A 19 -0.41 -35.30 2.79
C TYR A 19 -1.66 -34.48 3.10
N PRO A 20 -2.38 -34.74 4.22
CA PRO A 20 -3.65 -34.07 4.49
C PRO A 20 -3.61 -32.54 4.42
N SER A 21 -2.51 -31.93 4.90
CA SER A 21 -2.47 -30.48 4.96
C SER A 21 -2.51 -29.85 3.58
N CYS A 22 -2.16 -30.58 2.49
CA CYS A 22 -2.12 -29.98 1.15
C CYS A 22 -3.54 -29.70 0.63
N GLY A 23 -4.57 -30.28 1.27
CA GLY A 23 -5.94 -29.89 0.92
C GLY A 23 -6.65 -29.09 2.01
N GLY A 24 -5.88 -28.55 2.96
CA GLY A 24 -6.40 -27.77 4.07
C GLY A 24 -6.38 -26.27 3.82
N LEU A 25 -6.36 -25.52 4.92
CA LEU A 25 -6.49 -24.07 4.91
C LEU A 25 -5.11 -23.40 4.78
N LEU A 26 -5.14 -22.10 4.44
CA LEU A 26 -4.00 -21.18 4.48
C LEU A 26 -2.89 -21.65 3.54
N GLN A 27 -3.25 -22.21 2.37
CA GLN A 27 -2.25 -22.77 1.46
C GLN A 27 -1.56 -21.65 0.66
N SER A 28 -0.29 -21.91 0.36
CA SER A 28 0.53 -21.06 -0.50
C SER A 28 0.95 -21.86 -1.74
N PRO A 29 1.37 -21.20 -2.85
CA PRO A 29 1.50 -19.73 -2.97
C PRO A 29 0.20 -19.10 -3.45
N ILE A 30 0.22 -17.77 -3.65
CA ILE A 30 -0.96 -17.01 -4.04
C ILE A 30 -0.61 -15.97 -5.09
N ASP A 31 -1.65 -15.42 -5.74
CA ASP A 31 -1.50 -14.29 -6.65
C ASP A 31 -1.72 -12.99 -5.90
N LEU A 32 -0.74 -12.10 -6.00
CA LEU A 32 -0.72 -10.80 -5.35
C LEU A 32 -1.35 -9.79 -6.31
N HIS A 33 -2.61 -9.38 -6.03
CA HIS A 33 -3.34 -8.44 -6.89
C HIS A 33 -4.15 -7.44 -6.05
N SER A 34 -4.46 -6.28 -6.64
CA SER A 34 -4.84 -5.08 -5.88
C SER A 34 -5.99 -5.33 -4.91
N ASP A 35 -6.94 -6.21 -5.29
CA ASP A 35 -8.22 -6.31 -4.60
C ASP A 35 -8.05 -6.93 -3.22
N ILE A 36 -6.94 -7.65 -2.99
CA ILE A 36 -6.74 -8.34 -1.74
C ILE A 36 -5.50 -7.79 -1.02
N LEU A 37 -4.96 -6.66 -1.50
CA LEU A 37 -3.86 -5.94 -0.87
C LEU A 37 -4.38 -4.88 0.09
N GLN A 38 -3.68 -4.70 1.22
CA GLN A 38 -3.96 -3.59 2.11
C GLN A 38 -2.68 -3.05 2.71
N TYR A 39 -2.53 -1.72 2.62
CA TYR A 39 -1.40 -1.02 3.22
C TYR A 39 -1.45 -1.15 4.74
N ASP A 40 -0.30 -1.48 5.34
CA ASP A 40 -0.21 -1.58 6.80
C ASP A 40 1.10 -0.91 7.22
N ALA A 41 0.98 0.27 7.85
CA ALA A 41 2.13 1.07 8.27
C ALA A 41 2.90 0.37 9.40
N SER A 42 2.30 -0.68 9.99
CA SER A 42 2.96 -1.38 11.07
C SER A 42 4.07 -2.32 10.56
N LEU A 43 4.16 -2.51 9.25
CA LEU A 43 5.16 -3.43 8.70
C LEU A 43 6.49 -2.70 8.53
N THR A 44 7.38 -2.89 9.51
CA THR A 44 8.65 -2.19 9.53
C THR A 44 9.71 -3.09 8.90
N PRO A 45 10.92 -2.57 8.63
CA PRO A 45 11.93 -3.33 7.90
C PRO A 45 12.51 -4.43 8.78
N LEU A 46 12.76 -5.58 8.16
CA LEU A 46 13.48 -6.68 8.78
C LEU A 46 14.95 -6.31 8.85
N GLU A 47 15.67 -6.93 9.79
CA GLU A 47 17.12 -6.94 9.73
C GLU A 47 17.58 -8.38 9.53
N PHE A 48 18.58 -8.52 8.65
CA PHE A 48 19.14 -9.80 8.25
C PHE A 48 20.50 -9.90 8.92
N GLN A 49 20.55 -10.70 9.99
CA GLN A 49 21.67 -10.77 10.90
C GLN A 49 22.42 -12.08 10.71
N GLY A 50 23.76 -12.01 10.62
CA GLY A 50 24.60 -13.17 10.39
C GLY A 50 24.47 -13.75 8.97
N TYR A 51 23.93 -12.95 8.04
CA TYR A 51 23.77 -13.37 6.65
C TYR A 51 25.09 -13.33 5.88
N ASN A 52 26.09 -12.59 6.39
CA ASN A 52 27.40 -12.56 5.76
C ASN A 52 28.19 -13.77 6.22
N LEU A 53 27.99 -14.91 5.54
CA LEU A 53 28.57 -16.19 5.92
C LEU A 53 30.07 -16.17 5.69
N SER A 54 30.78 -16.76 6.66
CA SER A 54 32.23 -16.80 6.60
C SER A 54 32.69 -17.50 5.33
N ALA A 55 33.53 -16.81 4.56
CA ALA A 55 34.17 -17.34 3.36
C ALA A 55 35.20 -18.43 3.71
N ASN A 56 35.56 -18.55 5.00
CA ASN A 56 36.44 -19.62 5.45
C ASN A 56 35.63 -20.86 5.84
N LYS A 57 34.32 -20.84 5.63
CA LYS A 57 33.48 -21.98 5.99
C LYS A 57 32.82 -22.51 4.71
N GLN A 58 32.32 -23.75 4.73
CA GLN A 58 31.61 -24.28 3.57
C GLN A 58 30.26 -24.83 3.99
N PHE A 59 29.31 -24.83 3.03
CA PHE A 59 27.90 -25.08 3.28
C PHE A 59 27.38 -26.08 2.24
N LEU A 60 26.62 -27.09 2.71
CA LEU A 60 26.25 -28.22 1.88
C LEU A 60 25.12 -27.83 0.92
N LEU A 61 25.37 -28.09 -0.38
CA LEU A 61 24.38 -27.98 -1.45
C LEU A 61 23.95 -29.38 -1.88
N THR A 62 22.62 -29.62 -1.92
CA THR A 62 22.07 -30.94 -2.17
C THR A 62 20.98 -30.89 -3.24
N ASN A 63 21.03 -31.87 -4.16
CA ASN A 63 19.89 -32.23 -5.00
C ASN A 63 19.02 -33.24 -4.23
N ASN A 64 17.80 -32.86 -3.83
CA ASN A 64 16.96 -33.73 -3.01
C ASN A 64 15.85 -34.33 -3.88
N GLY A 65 15.95 -34.15 -5.20
CA GLY A 65 14.99 -34.73 -6.12
C GLY A 65 13.76 -33.84 -6.36
N HIS A 66 13.61 -32.77 -5.59
CA HIS A 66 12.52 -31.81 -5.78
C HIS A 66 13.05 -30.42 -6.14
N SER A 67 14.22 -30.05 -5.63
CA SER A 67 14.84 -28.74 -5.80
C SER A 67 16.36 -28.90 -5.59
N VAL A 68 17.09 -27.78 -5.65
CA VAL A 68 18.44 -27.67 -5.12
C VAL A 68 18.45 -26.82 -3.84
N LYS A 69 19.09 -27.35 -2.78
CA LYS A 69 18.98 -26.86 -1.42
C LYS A 69 20.36 -26.45 -0.89
N LEU A 70 20.47 -25.27 -0.26
CA LEU A 70 21.68 -24.89 0.45
C LEU A 70 21.37 -24.85 1.95
N ASN A 71 22.09 -25.69 2.73
CA ASN A 71 21.99 -25.68 4.19
C ASN A 71 22.56 -24.37 4.75
N LEU A 72 21.88 -23.84 5.77
CA LEU A 72 22.26 -22.55 6.34
C LEU A 72 22.47 -22.68 7.85
N PRO A 73 23.37 -21.85 8.44
CA PRO A 73 23.70 -21.95 9.85
C PRO A 73 22.67 -21.26 10.74
N SER A 74 22.48 -21.79 11.94
CA SER A 74 21.45 -21.30 12.86
C SER A 74 21.80 -19.94 13.46
N ASP A 75 23.06 -19.50 13.41
CA ASP A 75 23.41 -18.15 13.86
C ASP A 75 22.91 -17.09 12.87
N MET A 76 22.41 -17.52 11.71
CA MET A 76 21.82 -16.62 10.74
C MET A 76 20.33 -16.43 11.06
N HIS A 77 19.81 -15.18 11.08
CA HIS A 77 18.42 -14.98 11.50
C HIS A 77 17.81 -13.66 11.03
N ILE A 78 16.45 -13.63 11.11
CA ILE A 78 15.67 -12.44 10.87
C ILE A 78 15.38 -11.76 12.21
N GLN A 79 15.65 -10.45 12.28
CA GLN A 79 15.27 -9.62 13.42
C GLN A 79 14.14 -8.71 12.95
N GLY A 80 13.17 -8.46 13.85
CA GLY A 80 12.09 -7.51 13.59
C GLY A 80 10.70 -8.14 13.61
N LEU A 81 10.61 -9.48 13.69
CA LEU A 81 9.34 -10.15 13.91
C LEU A 81 9.13 -10.31 15.43
N GLN A 82 7.99 -10.91 15.83
CA GLN A 82 7.63 -11.01 17.24
C GLN A 82 8.63 -11.95 17.93
N SER A 83 9.01 -13.03 17.22
CA SER A 83 10.04 -13.97 17.62
C SER A 83 11.26 -13.84 16.71
N ARG A 84 12.41 -14.32 17.20
CA ARG A 84 13.56 -14.58 16.33
C ARG A 84 13.26 -15.83 15.52
N TYR A 85 13.50 -15.73 14.20
CA TYR A 85 13.48 -16.85 13.26
C TYR A 85 14.88 -17.08 12.71
N SER A 86 15.40 -18.29 12.94
CA SER A 86 16.74 -18.71 12.55
C SER A 86 16.70 -19.52 11.26
N ALA A 87 17.68 -19.25 10.36
CA ALA A 87 17.72 -19.86 9.04
C ALA A 87 18.05 -21.35 9.11
N THR A 88 17.52 -22.11 8.14
CA THR A 88 17.75 -23.55 8.05
C THR A 88 18.19 -23.95 6.64
N GLN A 89 17.57 -23.41 5.57
CA GLN A 89 18.06 -23.70 4.22
C GLN A 89 17.51 -22.65 3.24
N LEU A 90 18.12 -22.53 2.05
CA LEU A 90 17.45 -21.88 0.93
C LEU A 90 17.37 -22.87 -0.24
N HIS A 91 16.41 -22.61 -1.14
CA HIS A 91 16.23 -23.41 -2.35
C HIS A 91 15.51 -22.55 -3.40
N LEU A 92 15.23 -23.17 -4.55
CA LEU A 92 14.62 -22.46 -5.66
C LEU A 92 13.50 -23.23 -6.32
N HIS A 93 12.73 -22.47 -7.12
CA HIS A 93 11.64 -22.95 -7.94
C HIS A 93 11.74 -22.33 -9.35
N TRP A 94 11.47 -23.10 -10.41
CA TRP A 94 11.64 -22.64 -11.80
C TRP A 94 10.74 -23.40 -12.77
N GLY A 95 10.69 -22.91 -14.02
CA GLY A 95 9.89 -23.51 -15.07
C GLY A 95 10.72 -24.41 -15.99
N ASN A 96 10.75 -24.05 -17.28
CA ASN A 96 11.40 -24.88 -18.29
C ASN A 96 11.72 -23.99 -19.49
N PRO A 97 12.71 -24.36 -20.35
CA PRO A 97 13.10 -23.48 -21.46
C PRO A 97 11.95 -23.14 -22.42
N ASN A 98 10.95 -24.02 -22.58
CA ASN A 98 9.85 -23.75 -23.49
C ASN A 98 8.85 -22.75 -22.91
N ASP A 99 8.85 -22.59 -21.58
CA ASP A 99 7.97 -21.66 -20.89
C ASP A 99 8.65 -21.21 -19.59
N PRO A 100 9.58 -20.24 -19.63
CA PRO A 100 10.44 -19.96 -18.46
C PRO A 100 9.83 -18.98 -17.45
N HIS A 101 8.67 -19.36 -16.92
CA HIS A 101 7.91 -18.54 -15.99
C HIS A 101 7.49 -19.42 -14.80
N GLY A 102 8.44 -19.76 -13.94
CA GLY A 102 8.21 -20.77 -12.90
C GLY A 102 8.31 -20.27 -11.45
N SER A 103 8.09 -18.97 -11.24
CA SER A 103 7.89 -18.44 -9.89
C SER A 103 6.65 -19.10 -9.27
N GLU A 104 6.58 -19.12 -7.93
CA GLU A 104 5.42 -19.69 -7.25
C GLU A 104 4.36 -18.62 -7.03
N HIS A 105 4.76 -17.49 -6.41
CA HIS A 105 3.90 -16.33 -6.31
C HIS A 105 3.83 -15.62 -7.65
N THR A 106 2.64 -15.11 -7.95
CA THR A 106 2.39 -14.30 -9.13
C THR A 106 2.01 -12.89 -8.67
N VAL A 107 2.25 -11.87 -9.52
CA VAL A 107 1.87 -10.50 -9.25
C VAL A 107 0.96 -10.03 -10.38
N SER A 108 -0.30 -9.72 -10.04
CA SER A 108 -1.34 -9.38 -10.99
C SER A 108 -1.42 -10.42 -12.11
N GLY A 109 -1.37 -11.70 -11.74
CA GLY A 109 -1.51 -12.79 -12.69
C GLY A 109 -0.18 -13.22 -13.32
N GLN A 110 0.86 -12.38 -13.27
CA GLN A 110 2.09 -12.62 -14.01
C GLN A 110 3.07 -13.45 -13.19
N HIS A 111 3.56 -14.52 -13.81
CA HIS A 111 4.68 -15.30 -13.30
C HIS A 111 5.99 -14.60 -13.57
N PHE A 112 6.92 -14.70 -12.62
CA PHE A 112 8.32 -14.41 -12.87
C PHE A 112 9.04 -15.69 -13.29
N ALA A 113 10.32 -15.57 -13.67
CA ALA A 113 11.11 -16.66 -14.21
C ALA A 113 11.31 -17.75 -13.16
N ALA A 114 11.57 -17.33 -11.93
CA ALA A 114 11.96 -18.25 -10.87
C ALA A 114 11.68 -17.62 -9.52
N GLU A 115 11.91 -18.35 -8.41
CA GLU A 115 11.70 -17.83 -7.06
C GLU A 115 12.71 -18.46 -6.09
N LEU A 116 13.35 -17.63 -5.25
CA LEU A 116 14.20 -18.07 -4.15
C LEU A 116 13.40 -18.05 -2.85
N HIS A 117 13.44 -19.17 -2.08
CA HIS A 117 12.92 -19.20 -0.72
C HIS A 117 14.08 -19.37 0.27
N ILE A 118 14.13 -18.50 1.28
CA ILE A 118 15.06 -18.64 2.40
C ILE A 118 14.24 -18.97 3.65
N VAL A 119 14.43 -20.19 4.15
CA VAL A 119 13.54 -20.78 5.14
C VAL A 119 14.14 -20.57 6.53
N HIS A 120 13.30 -20.19 7.50
CA HIS A 120 13.71 -19.99 8.88
C HIS A 120 12.67 -20.61 9.82
N TYR A 121 13.10 -20.94 11.04
CA TYR A 121 12.23 -21.50 12.04
C TYR A 121 12.23 -20.62 13.29
N ASN A 122 11.16 -20.72 14.08
CA ASN A 122 10.99 -19.91 15.27
C ASN A 122 11.86 -20.49 16.38
N SER A 123 13.01 -19.87 16.62
CA SER A 123 14.02 -20.44 17.51
C SER A 123 13.82 -19.94 18.95
N ASP A 124 12.94 -18.97 19.13
CA ASP A 124 12.52 -18.55 20.47
C ASP A 124 11.58 -19.61 21.06
N LEU A 125 10.64 -20.10 20.22
CA LEU A 125 9.63 -21.04 20.66
C LEU A 125 10.17 -22.49 20.62
N TYR A 126 11.02 -22.82 19.64
CA TYR A 126 11.27 -24.21 19.31
C TYR A 126 12.77 -24.52 19.22
N PRO A 127 13.17 -25.78 19.53
CA PRO A 127 14.58 -26.16 19.60
C PRO A 127 15.27 -26.39 18.25
N ASP A 128 14.49 -26.78 17.23
CA ASP A 128 15.01 -26.98 15.88
C ASP A 128 13.88 -26.84 14.85
N ALA A 129 14.26 -26.86 13.57
CA ALA A 129 13.33 -26.73 12.46
C ALA A 129 12.37 -27.93 12.42
N SER A 130 12.88 -29.10 12.79
CA SER A 130 12.05 -30.31 12.77
C SER A 130 10.83 -30.14 13.68
N THR A 131 11.05 -29.64 14.90
CA THR A 131 9.98 -29.45 15.86
C THR A 131 9.06 -28.30 15.44
N ALA A 132 9.62 -27.22 14.89
CA ALA A 132 8.84 -26.04 14.54
C ALA A 132 7.96 -26.28 13.31
N SER A 133 8.35 -27.22 12.44
CA SER A 133 7.79 -27.32 11.10
C SER A 133 6.27 -27.41 11.12
N ASN A 134 5.70 -28.15 12.09
CA ASN A 134 4.27 -28.41 12.08
C ASN A 134 3.58 -27.74 13.28
N LYS A 135 4.19 -26.69 13.83
CA LYS A 135 3.69 -26.05 15.04
C LYS A 135 3.40 -24.57 14.80
N SER A 136 2.56 -24.00 15.70
CA SER A 136 2.08 -22.65 15.59
C SER A 136 3.24 -21.65 15.45
N GLU A 137 3.15 -20.73 14.47
CA GLU A 137 4.21 -19.73 14.28
C GLU A 137 5.58 -20.39 14.14
N GLY A 138 5.60 -21.59 13.56
CA GLY A 138 6.82 -22.39 13.45
C GLY A 138 7.83 -21.83 12.46
N LEU A 139 7.35 -21.32 11.30
CA LEU A 139 8.26 -21.00 10.20
C LEU A 139 8.06 -19.58 9.68
N ALA A 140 9.10 -19.10 9.00
CA ALA A 140 9.10 -17.83 8.28
C ALA A 140 9.98 -17.96 7.03
N VAL A 141 9.40 -17.63 5.88
CA VAL A 141 10.11 -17.81 4.62
C VAL A 141 10.17 -16.44 3.96
N LEU A 142 11.37 -16.07 3.49
CA LEU A 142 11.56 -14.89 2.63
C LEU A 142 11.52 -15.38 1.19
N ALA A 143 10.76 -14.68 0.33
CA ALA A 143 10.65 -14.99 -1.07
C ALA A 143 11.21 -13.82 -1.91
N VAL A 144 12.14 -14.13 -2.82
CA VAL A 144 12.66 -13.23 -3.83
C VAL A 144 12.20 -13.71 -5.20
N LEU A 145 11.50 -12.82 -5.92
CA LEU A 145 11.05 -13.07 -7.28
C LEU A 145 12.24 -12.82 -8.20
N ILE A 146 12.43 -13.72 -9.15
CA ILE A 146 13.59 -13.68 -10.02
C ILE A 146 13.11 -13.51 -11.46
N GLU A 147 13.64 -12.47 -12.13
CA GLU A 147 13.29 -12.25 -13.53
C GLU A 147 14.56 -12.34 -14.40
N MET A 148 14.36 -12.60 -15.68
CA MET A 148 15.50 -12.80 -16.56
C MET A 148 15.96 -11.44 -17.07
N GLY A 149 17.26 -11.20 -16.96
CA GLY A 149 17.79 -9.88 -17.25
C GLY A 149 19.32 -9.87 -17.23
N SER A 150 19.90 -9.08 -16.31
CA SER A 150 21.34 -8.97 -16.21
CA SER A 150 21.34 -8.93 -16.16
C SER A 150 21.93 -10.12 -15.42
N PHE A 151 23.17 -10.53 -15.76
CA PHE A 151 23.93 -11.52 -15.02
C PHE A 151 23.99 -11.11 -13.54
N ASN A 152 23.97 -12.10 -12.64
CA ASN A 152 24.02 -11.85 -11.20
C ASN A 152 25.18 -12.65 -10.58
N PRO A 153 26.31 -12.00 -10.22
CA PRO A 153 27.44 -12.71 -9.63
C PRO A 153 27.13 -13.45 -8.34
N SER A 154 26.21 -12.91 -7.53
CA SER A 154 25.89 -13.52 -6.24
C SER A 154 25.10 -14.81 -6.42
N TYR A 155 24.06 -14.82 -7.26
CA TYR A 155 23.38 -16.07 -7.56
C TYR A 155 24.35 -17.10 -8.14
N ASP A 156 25.42 -16.66 -8.85
CA ASP A 156 26.31 -17.58 -9.55
C ASP A 156 27.25 -18.30 -8.59
N LYS A 157 27.36 -17.80 -7.36
CA LYS A 157 28.08 -18.49 -6.29
C LYS A 157 27.41 -19.81 -5.96
N ILE A 158 26.08 -19.88 -6.19
CA ILE A 158 25.32 -21.12 -6.14
C ILE A 158 25.37 -21.84 -7.49
N PHE A 159 24.96 -21.14 -8.57
CA PHE A 159 24.65 -21.80 -9.84
C PHE A 159 25.91 -22.40 -10.47
N SER A 160 27.08 -21.92 -10.06
CA SER A 160 28.35 -22.46 -10.56
C SER A 160 28.60 -23.90 -10.11
N HIS A 161 27.88 -24.39 -9.10
CA HIS A 161 28.06 -25.74 -8.58
C HIS A 161 27.01 -26.70 -9.13
N LEU A 162 26.11 -26.24 -9.99
CA LEU A 162 24.96 -27.04 -10.42
C LEU A 162 25.35 -28.31 -11.18
N GLN A 163 26.44 -28.27 -11.97
CA GLN A 163 26.83 -29.43 -12.76
C GLN A 163 27.49 -30.51 -11.89
N HIS A 164 27.59 -30.29 -10.57
CA HIS A 164 28.14 -31.27 -9.65
C HIS A 164 27.08 -31.83 -8.68
N VAL A 165 25.81 -31.42 -8.88
CA VAL A 165 24.68 -31.98 -8.14
C VAL A 165 23.54 -32.30 -9.11
N LYS A 166 23.87 -32.89 -10.26
CA LYS A 166 22.89 -33.10 -11.32
C LYS A 166 21.80 -34.11 -10.93
N TYR A 167 22.14 -35.09 -10.07
CA TYR A 167 21.23 -36.20 -9.80
C TYR A 167 20.80 -36.24 -8.34
N LYS A 168 19.70 -36.96 -8.08
CA LYS A 168 19.11 -37.02 -6.75
C LYS A 168 20.10 -37.65 -5.77
N GLY A 169 20.32 -36.94 -4.65
CA GLY A 169 21.15 -37.41 -3.55
C GLY A 169 22.56 -36.83 -3.58
N GLN A 170 22.94 -36.20 -4.71
CA GLN A 170 24.28 -35.69 -4.90
C GLN A 170 24.48 -34.39 -4.12
N GLU A 171 25.73 -34.17 -3.65
CA GLU A 171 26.05 -33.13 -2.70
C GLU A 171 27.31 -32.41 -3.16
N ALA A 172 27.39 -31.09 -2.91
CA ALA A 172 28.57 -30.28 -3.15
C ALA A 172 28.76 -29.29 -2.02
N PHE A 173 29.95 -28.69 -1.89
CA PHE A 173 30.24 -27.69 -0.88
C PHE A 173 30.33 -26.31 -1.55
N VAL A 174 29.66 -25.32 -0.94
CA VAL A 174 29.69 -23.93 -1.38
C VAL A 174 30.36 -23.08 -0.31
N PRO A 175 31.46 -22.36 -0.62
CA PRO A 175 32.04 -21.41 0.32
C PRO A 175 31.07 -20.31 0.74
N GLY A 176 31.25 -19.81 1.97
CA GLY A 176 30.39 -18.78 2.50
C GLY A 176 30.47 -17.49 1.71
N PHE A 177 29.30 -16.89 1.48
CA PHE A 177 29.19 -15.57 0.89
C PHE A 177 28.02 -14.84 1.55
N ASN A 178 27.88 -13.55 1.23
CA ASN A 178 26.88 -12.69 1.83
C ASN A 178 25.50 -12.97 1.20
N ILE A 179 24.63 -13.64 1.97
CA ILE A 179 23.31 -14.03 1.50
C ILE A 179 22.45 -12.81 1.22
N GLU A 180 22.79 -11.66 1.86
CA GLU A 180 22.04 -10.44 1.62
C GLU A 180 22.15 -10.02 0.15
N GLU A 181 23.20 -10.48 -0.53
CA GLU A 181 23.40 -10.13 -1.92
C GLU A 181 22.37 -10.83 -2.81
N LEU A 182 21.66 -11.84 -2.28
CA LEU A 182 20.60 -12.50 -3.04
C LEU A 182 19.28 -11.73 -2.96
N LEU A 183 19.21 -10.71 -2.09
CA LEU A 183 17.98 -9.97 -1.87
C LEU A 183 17.94 -8.79 -2.84
N PRO A 184 16.73 -8.30 -3.19
CA PRO A 184 16.57 -7.16 -4.09
C PRO A 184 16.78 -5.79 -3.43
N GLU A 185 16.55 -4.76 -4.26
CA GLU A 185 16.47 -3.37 -3.82
C GLU A 185 15.26 -3.13 -2.93
N ARG A 186 15.47 -2.29 -1.92
CA ARG A 186 14.41 -1.79 -1.06
C ARG A 186 13.66 -2.96 -0.43
N THR A 187 14.40 -3.73 0.38
CA THR A 187 13.82 -4.82 1.14
C THR A 187 12.74 -4.31 2.10
N ALA A 188 12.71 -2.99 2.38
CA ALA A 188 11.66 -2.44 3.24
C ALA A 188 10.27 -2.58 2.60
N GLU A 189 10.23 -2.74 1.26
CA GLU A 189 8.99 -2.92 0.52
C GLU A 189 8.70 -4.41 0.33
N TYR A 190 7.59 -4.87 0.92
CA TYR A 190 7.20 -6.28 0.85
C TYR A 190 5.69 -6.51 1.04
N TYR A 191 5.29 -7.72 0.62
CA TYR A 191 4.00 -8.32 0.93
C TYR A 191 4.17 -9.28 2.10
N ARG A 192 3.17 -9.29 3.01
CA ARG A 192 3.12 -10.16 4.17
C ARG A 192 1.76 -10.87 4.28
N TYR A 193 1.78 -12.18 4.55
CA TYR A 193 0.53 -12.94 4.74
C TYR A 193 0.85 -14.26 5.42
N ARG A 194 -0.19 -14.89 6.00
CA ARG A 194 -0.04 -16.17 6.70
C ARG A 194 -0.31 -17.31 5.73
N GLY A 195 0.64 -18.22 5.56
CA GLY A 195 0.46 -19.30 4.61
C GLY A 195 1.07 -20.63 5.05
N SER A 196 1.57 -21.36 4.06
CA SER A 196 1.91 -22.76 4.20
C SER A 196 3.21 -23.04 3.46
N LEU A 197 3.85 -24.17 3.75
CA LEU A 197 4.84 -24.79 2.86
C LEU A 197 4.19 -24.95 1.48
N THR A 198 4.94 -24.71 0.40
CA THR A 198 4.41 -24.89 -0.95
C THR A 198 4.64 -26.32 -1.44
N THR A 199 5.39 -27.13 -0.68
CA THR A 199 5.59 -28.53 -1.01
C THR A 199 5.01 -29.40 0.10
N PRO A 200 4.73 -30.72 -0.16
CA PRO A 200 4.40 -31.63 0.94
C PRO A 200 5.42 -31.49 2.05
N PRO A 201 5.02 -31.58 3.34
CA PRO A 201 3.63 -31.85 3.73
C PRO A 201 2.64 -30.67 3.76
N CYS A 202 3.02 -29.48 3.25
CA CYS A 202 2.11 -28.36 3.06
C CYS A 202 1.60 -27.75 4.39
N ASN A 203 2.41 -27.81 5.44
CA ASN A 203 1.99 -27.38 6.77
C ASN A 203 1.64 -25.90 6.75
N PRO A 204 0.49 -25.48 7.35
CA PRO A 204 0.06 -24.08 7.32
C PRO A 204 0.68 -23.27 8.45
N THR A 205 2.02 -23.25 8.49
CA THR A 205 2.76 -22.74 9.62
C THR A 205 3.73 -21.62 9.23
N VAL A 206 3.55 -21.03 8.04
CA VAL A 206 4.55 -20.13 7.47
C VAL A 206 4.05 -18.68 7.47
N LEU A 207 4.85 -17.80 8.08
CA LEU A 207 4.74 -16.36 7.86
C LEU A 207 5.58 -15.99 6.64
N TRP A 208 4.88 -15.60 5.55
CA TRP A 208 5.49 -15.24 4.27
C TRP A 208 5.78 -13.73 4.20
N THR A 209 6.98 -13.43 3.71
CA THR A 209 7.41 -12.11 3.28
C THR A 209 7.92 -12.27 1.85
N VAL A 210 7.15 -11.72 0.88
CA VAL A 210 7.55 -11.64 -0.51
C VAL A 210 8.01 -10.22 -0.81
N PHE A 211 9.30 -10.05 -1.12
CA PHE A 211 9.79 -8.70 -1.43
C PHE A 211 9.10 -8.17 -2.69
N ARG A 212 8.82 -6.87 -2.69
CA ARG A 212 8.11 -6.22 -3.80
C ARG A 212 8.92 -6.30 -5.11
N ASN A 213 10.23 -6.06 -5.01
CA ASN A 213 11.06 -5.85 -6.18
C ASN A 213 11.80 -7.15 -6.53
N PRO A 214 11.83 -7.53 -7.84
CA PRO A 214 12.59 -8.70 -8.26
C PRO A 214 14.09 -8.46 -8.32
N VAL A 215 14.85 -9.56 -8.38
CA VAL A 215 16.23 -9.53 -8.84
C VAL A 215 16.27 -10.04 -10.28
N GLN A 216 17.40 -9.80 -10.95
CA GLN A 216 17.64 -10.34 -12.29
C GLN A 216 18.75 -11.38 -12.25
N ILE A 217 18.59 -12.43 -13.07
CA ILE A 217 19.67 -13.31 -13.46
C ILE A 217 19.69 -13.39 -14.98
N SER A 218 20.84 -13.78 -15.56
CA SER A 218 20.98 -13.79 -17.00
C SER A 218 20.17 -14.92 -17.64
N GLN A 219 20.01 -14.78 -18.96
CA GLN A 219 19.43 -15.80 -19.80
C GLN A 219 20.20 -17.11 -19.60
N GLU A 220 21.54 -17.06 -19.56
CA GLU A 220 22.38 -18.24 -19.43
C GLU A 220 22.24 -18.87 -18.03
N GLN A 221 22.18 -18.04 -16.99
CA GLN A 221 22.00 -18.53 -15.64
C GLN A 221 20.66 -19.26 -15.54
N LEU A 222 19.59 -18.63 -16.05
CA LEU A 222 18.28 -19.25 -16.02
C LEU A 222 18.31 -20.60 -16.73
N LEU A 223 18.94 -20.67 -17.92
CA LEU A 223 18.89 -21.91 -18.68
C LEU A 223 19.65 -23.01 -17.94
N ALA A 224 20.78 -22.67 -17.30
CA ALA A 224 21.54 -23.65 -16.51
C ALA A 224 20.69 -24.20 -15.38
N LEU A 225 19.99 -23.31 -14.66
CA LEU A 225 19.07 -23.75 -13.63
C LEU A 225 18.00 -24.70 -14.18
N GLU A 226 17.47 -24.42 -15.39
CA GLU A 226 16.35 -25.19 -15.94
C GLU A 226 16.78 -26.51 -16.63
N THR A 227 18.09 -26.72 -16.85
CA THR A 227 18.54 -27.85 -17.64
C THR A 227 19.60 -28.70 -16.92
N ALA A 228 20.18 -28.21 -15.82
CA ALA A 228 21.30 -28.94 -15.20
C ALA A 228 20.86 -30.18 -14.43
N LEU A 229 19.64 -30.16 -13.84
CA LEU A 229 19.32 -31.05 -12.73
C LEU A 229 18.26 -32.09 -13.11
N TYR A 230 18.36 -33.24 -12.47
CA TYR A 230 17.43 -34.35 -12.65
C TYR A 230 16.80 -34.72 -11.30
N CYS A 231 15.56 -35.25 -11.36
CA CYS A 231 14.87 -35.74 -10.18
C CYS A 231 15.27 -37.15 -9.80
N THR A 232 15.97 -37.84 -10.72
CA THR A 232 16.28 -39.26 -10.64
C THR A 232 17.75 -39.45 -10.23
N HIS A 233 18.10 -40.67 -9.82
CA HIS A 233 19.47 -41.03 -9.44
C HIS A 233 20.32 -41.19 -10.69
N MET A 234 21.64 -41.26 -10.50
CA MET A 234 22.56 -41.16 -11.62
C MET A 234 22.41 -42.36 -12.57
N ASP A 235 22.27 -43.56 -12.01
CA ASP A 235 22.35 -44.77 -12.82
C ASP A 235 20.99 -45.17 -13.39
N ASP A 236 19.94 -44.41 -13.08
CA ASP A 236 18.62 -44.70 -13.58
C ASP A 236 18.58 -44.53 -15.10
N PRO A 237 18.29 -45.60 -15.90
CA PRO A 237 18.19 -45.47 -17.36
C PRO A 237 17.05 -44.59 -17.88
N SER A 238 16.05 -44.34 -17.02
CA SER A 238 14.93 -43.47 -17.35
C SER A 238 15.03 -42.14 -16.60
N PRO A 239 15.88 -41.18 -17.04
CA PRO A 239 16.03 -39.91 -16.33
C PRO A 239 14.82 -38.99 -16.50
N ARG A 240 14.39 -38.39 -15.37
CA ARG A 240 13.37 -37.34 -15.37
C ARG A 240 14.03 -36.01 -15.01
N GLU A 241 13.79 -35.01 -15.85
CA GLU A 241 14.39 -33.69 -15.70
C GLU A 241 13.69 -32.94 -14.58
N MET A 242 14.47 -32.17 -13.80
CA MET A 242 13.88 -31.37 -12.74
C MET A 242 13.47 -30.02 -13.33
N ILE A 243 12.19 -29.93 -13.76
CA ILE A 243 11.61 -28.74 -14.38
C ILE A 243 10.23 -28.50 -13.79
N ASN A 244 9.76 -27.23 -13.91
CA ASN A 244 8.41 -26.86 -13.53
C ASN A 244 8.11 -27.27 -12.09
N ASN A 245 9.11 -27.12 -11.21
CA ASN A 245 8.97 -27.55 -9.83
C ASN A 245 8.36 -26.42 -8.99
N PHE A 246 7.19 -25.92 -9.40
CA PHE A 246 6.49 -24.85 -8.71
C PHE A 246 5.03 -25.30 -8.55
N ARG A 247 4.38 -24.89 -7.45
CA ARG A 247 2.95 -25.13 -7.25
C ARG A 247 2.11 -24.04 -7.92
N GLN A 248 0.93 -24.39 -8.45
CA GLN A 248 -0.01 -23.38 -8.94
C GLN A 248 -0.56 -22.53 -7.77
N VAL A 249 -1.00 -21.30 -8.05
CA VAL A 249 -1.54 -20.42 -7.02
C VAL A 249 -2.86 -20.97 -6.47
N GLN A 250 -3.10 -20.69 -5.19
CA GLN A 250 -4.19 -21.24 -4.40
C GLN A 250 -5.29 -20.21 -4.22
N LYS A 251 -6.50 -20.70 -3.94
CA LYS A 251 -7.61 -19.84 -3.55
C LYS A 251 -7.19 -18.99 -2.34
N PHE A 252 -7.57 -17.72 -2.39
CA PHE A 252 -7.32 -16.80 -1.30
C PHE A 252 -8.53 -15.90 -1.07
N ASP A 253 -9.47 -16.39 -0.27
CA ASP A 253 -10.75 -15.72 -0.07
C ASP A 253 -10.95 -15.51 1.43
N GLU A 254 -11.62 -14.39 1.77
CA GLU A 254 -11.91 -13.99 3.15
C GLU A 254 -10.64 -13.54 3.86
N ARG A 255 -9.63 -13.09 3.09
CA ARG A 255 -8.30 -12.84 3.64
C ARG A 255 -7.60 -11.71 2.88
N LEU A 256 -6.58 -11.13 3.52
CA LEU A 256 -5.88 -9.98 2.97
C LEU A 256 -4.38 -10.24 3.01
N VAL A 257 -3.68 -9.66 2.03
CA VAL A 257 -2.24 -9.53 2.05
C VAL A 257 -1.89 -8.09 2.47
N TYR A 258 -0.96 -7.97 3.42
CA TYR A 258 -0.60 -6.66 3.96
C TYR A 258 0.67 -6.20 3.27
N THR A 259 0.70 -4.94 2.81
CA THR A 259 1.88 -4.39 2.14
C THR A 259 2.49 -3.27 2.98
N SER A 260 3.82 -3.15 2.91
CA SER A 260 4.58 -2.11 3.61
C SER A 260 4.76 -0.87 2.73
N PHE A 261 4.26 -0.96 1.49
CA PHE A 261 4.29 0.11 0.48
C PHE A 261 2.85 0.39 0.07
N SER A 262 2.56 1.56 -0.48
CA SER A 262 1.26 1.77 -1.10
C SER A 262 1.42 2.33 -2.52
N LYS B 3 14.50 3.91 19.75
CA LYS B 3 15.02 4.48 18.48
C LYS B 3 14.02 5.49 17.92
N TRP B 4 14.52 6.67 17.54
CA TRP B 4 13.70 7.65 16.85
C TRP B 4 14.47 8.26 15.67
N THR B 5 13.71 8.73 14.66
CA THR B 5 14.26 9.37 13.48
C THR B 5 13.37 10.52 13.03
N TYR B 6 13.74 11.14 11.89
CA TYR B 6 12.90 12.14 11.25
C TYR B 6 12.28 11.61 9.95
N PHE B 7 12.33 10.29 9.72
CA PHE B 7 11.83 9.71 8.48
C PHE B 7 11.35 8.28 8.74
N GLY B 8 10.19 7.95 8.17
CA GLY B 8 9.72 6.58 8.14
C GLY B 8 8.91 6.21 9.37
N PRO B 9 8.87 4.91 9.75
CA PRO B 9 8.03 4.46 10.85
C PRO B 9 8.47 4.91 12.24
N ASP B 10 9.74 5.35 12.39
CA ASP B 10 10.22 5.91 13.65
C ASP B 10 10.23 7.45 13.62
N GLY B 11 9.47 8.05 12.70
CA GLY B 11 9.46 9.49 12.46
C GLY B 11 8.47 10.24 13.35
N GLU B 12 8.31 11.56 13.11
CA GLU B 12 7.80 12.43 14.16
C GLU B 12 6.34 12.12 14.53
N ASN B 13 5.56 11.54 13.62
CA ASN B 13 4.15 11.29 13.90
C ASN B 13 4.01 10.08 14.83
N SER B 14 5.12 9.36 15.03
CA SER B 14 5.16 8.14 15.82
C SER B 14 5.98 8.33 17.09
N TRP B 15 6.56 9.52 17.29
CA TRP B 15 7.33 9.76 18.50
C TRP B 15 6.50 9.52 19.77
N SER B 16 5.21 9.85 19.72
CA SER B 16 4.31 9.76 20.85
C SER B 16 4.17 8.33 21.37
N LYS B 17 4.44 7.32 20.52
CA LYS B 17 4.31 5.92 20.90
C LYS B 17 5.42 5.46 21.85
N LYS B 18 6.62 6.02 21.73
CA LYS B 18 7.69 5.67 22.66
C LYS B 18 7.94 6.78 23.67
N TYR B 19 7.57 8.03 23.32
CA TYR B 19 7.88 9.20 24.14
C TYR B 19 6.59 9.98 24.35
N PRO B 20 5.85 9.74 25.46
CA PRO B 20 4.50 10.27 25.62
C PRO B 20 4.43 11.81 25.56
N SER B 21 5.47 12.49 26.03
CA SER B 21 5.48 13.95 26.06
C SER B 21 5.39 14.54 24.65
N CYS B 22 5.79 13.79 23.60
CA CYS B 22 5.81 14.31 22.24
C CYS B 22 4.37 14.49 21.72
N GLY B 23 3.39 13.95 22.44
CA GLY B 23 1.98 14.15 22.14
C GLY B 23 1.28 14.97 23.21
N GLY B 24 2.01 15.65 24.08
CA GLY B 24 1.39 16.39 25.15
C GLY B 24 1.42 17.89 24.87
N LEU B 25 1.52 18.64 25.97
CA LEU B 25 1.32 20.08 25.94
C LEU B 25 2.66 20.79 25.74
N LEU B 26 2.54 22.05 25.29
CA LEU B 26 3.63 23.01 25.21
C LEU B 26 4.71 22.55 24.23
N GLN B 27 4.32 21.93 23.10
CA GLN B 27 5.34 21.44 22.16
C GLN B 27 5.96 22.57 21.32
N SER B 28 7.24 22.36 21.01
CA SER B 28 8.01 23.18 20.08
C SER B 28 8.42 22.32 18.88
N PRO B 29 8.76 22.91 17.71
CA PRO B 29 8.78 24.36 17.50
C PRO B 29 7.46 24.94 17.00
N ILE B 30 7.43 26.25 16.73
CA ILE B 30 6.19 26.94 16.38
C ILE B 30 6.46 27.95 15.28
N ASP B 31 5.38 28.37 14.58
CA ASP B 31 5.39 29.51 13.67
C ASP B 31 5.13 30.80 14.43
N LEU B 32 6.07 31.73 14.27
CA LEU B 32 6.00 33.05 14.86
C LEU B 32 5.32 33.99 13.86
N HIS B 33 4.04 34.33 14.10
CA HIS B 33 3.26 35.20 13.22
C HIS B 33 2.44 36.19 14.06
N SER B 34 2.01 37.33 13.47
CA SER B 34 1.47 38.46 14.21
C SER B 34 0.35 38.07 15.18
N ASP B 35 -0.54 37.16 14.78
CA ASP B 35 -1.75 36.87 15.54
C ASP B 35 -1.43 36.28 16.93
N ILE B 36 -0.19 35.80 17.15
CA ILE B 36 0.13 35.19 18.43
C ILE B 36 1.32 35.87 19.13
N LEU B 37 1.73 37.06 18.62
CA LEU B 37 2.84 37.84 19.17
C LEU B 37 2.33 38.99 20.03
N GLN B 38 3.06 39.32 21.10
CA GLN B 38 2.73 40.52 21.87
C GLN B 38 4.00 41.15 22.44
N TYR B 39 4.16 42.46 22.24
CA TYR B 39 5.30 43.19 22.76
C TYR B 39 5.22 43.22 24.29
N ASP B 40 6.36 42.89 24.92
CA ASP B 40 6.51 42.93 26.36
C ASP B 40 7.76 43.77 26.70
N ALA B 41 7.56 45.00 27.20
CA ALA B 41 8.67 45.91 27.39
C ALA B 41 9.52 45.51 28.60
N SER B 42 9.06 44.54 29.39
CA SER B 42 9.82 44.14 30.56
C SER B 42 10.95 43.17 30.20
N LEU B 43 10.98 42.70 28.94
CA LEU B 43 11.98 41.73 28.49
C LEU B 43 13.30 42.47 28.26
N THR B 44 14.28 42.21 29.15
CA THR B 44 15.56 42.89 29.15
C THR B 44 16.59 42.08 28.36
N PRO B 45 17.68 42.72 27.88
CA PRO B 45 18.77 41.99 27.22
C PRO B 45 19.39 40.89 28.08
N LEU B 46 19.67 39.74 27.45
CA LEU B 46 20.48 38.73 28.08
C LEU B 46 21.94 39.17 28.01
N GLU B 47 22.72 38.77 29.02
CA GLU B 47 24.17 38.89 29.00
C GLU B 47 24.77 37.49 28.86
N PHE B 48 25.75 37.36 27.98
CA PHE B 48 26.37 36.08 27.66
C PHE B 48 27.75 36.02 28.33
N GLN B 49 27.87 35.21 29.38
CA GLN B 49 29.02 35.24 30.25
C GLN B 49 29.81 33.94 30.10
N GLY B 50 31.13 34.07 29.97
CA GLY B 50 32.02 32.92 29.78
C GLY B 50 31.89 32.29 28.40
N TYR B 51 31.34 33.05 27.44
CA TYR B 51 31.12 32.57 26.09
C TYR B 51 32.41 32.60 25.28
N ASN B 52 33.37 33.44 25.69
CA ASN B 52 34.65 33.53 25.04
C ASN B 52 35.55 32.41 25.55
N LEU B 53 35.35 31.21 24.98
CA LEU B 53 36.01 30.01 25.44
C LEU B 53 37.53 30.09 25.24
N SER B 54 38.29 29.62 26.23
CA SER B 54 39.75 29.58 26.14
C SER B 54 40.22 28.87 24.86
N ALA B 55 41.01 29.61 24.08
CA ALA B 55 41.63 29.07 22.88
C ALA B 55 42.56 27.91 23.22
N ASN B 56 43.04 27.84 24.46
CA ASN B 56 43.97 26.80 24.91
C ASN B 56 43.24 25.54 25.37
N LYS B 57 41.92 25.54 25.32
CA LYS B 57 41.15 24.39 25.75
C LYS B 57 40.49 23.81 24.51
N GLN B 58 40.08 22.53 24.57
CA GLN B 58 39.41 21.88 23.43
C GLN B 58 38.04 21.38 23.89
N PHE B 59 37.12 21.29 22.93
CA PHE B 59 35.73 20.96 23.21
C PHE B 59 35.28 19.84 22.27
N LEU B 60 34.53 18.87 22.80
CA LEU B 60 34.17 17.66 22.06
C LEU B 60 33.03 17.90 21.07
N LEU B 61 33.29 17.61 19.80
CA LEU B 61 32.27 17.55 18.75
C LEU B 61 31.86 16.10 18.48
N THR B 62 30.55 15.82 18.42
CA THR B 62 30.07 14.46 18.24
C THR B 62 28.91 14.40 17.24
N ASN B 63 28.97 13.36 16.38
CA ASN B 63 27.85 12.87 15.59
C ASN B 63 27.10 11.88 16.47
N ASN B 64 25.84 12.19 16.81
CA ASN B 64 25.09 11.37 17.73
C ASN B 64 24.01 10.61 16.94
N GLY B 65 24.08 10.64 15.60
CA GLY B 65 23.10 9.98 14.77
C GLY B 65 21.82 10.80 14.53
N HIS B 66 21.65 11.90 15.28
CA HIS B 66 20.50 12.76 15.04
C HIS B 66 20.90 14.17 14.60
N SER B 67 22.08 14.62 15.03
CA SER B 67 22.59 15.95 14.76
C SER B 67 24.10 15.92 14.99
N VAL B 68 24.76 17.07 14.84
CA VAL B 68 26.13 17.25 15.28
C VAL B 68 26.11 18.20 16.49
N LYS B 69 26.83 17.81 17.55
CA LYS B 69 26.70 18.41 18.87
C LYS B 69 28.08 18.76 19.42
N LEU B 70 28.20 19.97 19.97
CA LEU B 70 29.43 20.44 20.59
C LEU B 70 29.20 20.57 22.08
N ASN B 71 30.09 19.96 22.90
CA ASN B 71 29.96 20.04 24.34
C ASN B 71 30.42 21.41 24.79
N LEU B 72 29.72 21.96 25.80
CA LEU B 72 29.98 23.30 26.31
C LEU B 72 30.23 23.22 27.81
N PRO B 73 31.06 24.15 28.34
CA PRO B 73 31.45 24.14 29.74
C PRO B 73 30.43 24.85 30.63
N SER B 74 30.31 24.38 31.88
CA SER B 74 29.36 24.88 32.87
C SER B 74 29.67 26.32 33.32
N ASP B 75 30.88 26.84 33.07
CA ASP B 75 31.18 28.22 33.44
C ASP B 75 30.62 29.19 32.41
N MET B 76 30.00 28.63 31.37
CA MET B 76 29.28 29.39 30.37
C MET B 76 27.82 29.53 30.81
N HIS B 77 27.31 30.75 30.87
CA HIS B 77 25.95 30.94 31.34
C HIS B 77 25.29 32.22 30.86
N ILE B 78 23.95 32.18 30.90
CA ILE B 78 23.06 33.29 30.59
C ILE B 78 22.75 34.03 31.89
N GLN B 79 22.97 35.35 31.86
CA GLN B 79 22.49 36.31 32.86
C GLN B 79 21.21 37.00 32.39
N GLY B 80 20.28 37.23 33.33
CA GLY B 80 19.13 38.08 33.08
C GLY B 80 17.79 37.35 33.14
N LEU B 81 17.82 36.05 33.43
CA LEU B 81 16.62 35.28 33.70
C LEU B 81 16.41 35.22 35.23
N GLN B 82 15.30 34.60 35.66
CA GLN B 82 14.98 34.47 37.07
C GLN B 82 16.04 33.61 37.77
N SER B 83 16.59 32.65 37.02
CA SER B 83 17.72 31.86 37.49
C SER B 83 18.89 32.04 36.53
N ARG B 84 20.10 31.70 37.02
CA ARG B 84 21.23 31.48 36.15
C ARG B 84 21.06 30.14 35.42
N TYR B 85 21.32 30.17 34.10
CA TYR B 85 21.29 28.98 33.26
C TYR B 85 22.69 28.74 32.70
N SER B 86 23.24 27.54 32.95
CA SER B 86 24.58 27.16 32.54
C SER B 86 24.50 26.31 31.28
N ALA B 87 25.44 26.54 30.34
CA ALA B 87 25.47 25.86 29.05
C ALA B 87 25.79 24.38 29.23
N THR B 88 25.28 23.55 28.30
CA THR B 88 25.59 22.13 28.30
C THR B 88 26.07 21.69 26.91
N GLN B 89 25.49 22.23 25.84
CA GLN B 89 25.83 21.80 24.50
C GLN B 89 25.15 22.71 23.48
N LEU B 90 25.64 22.66 22.24
CA LEU B 90 24.92 23.25 21.11
C LEU B 90 24.88 22.23 19.96
N HIS B 91 23.93 22.42 19.05
CA HIS B 91 23.75 21.50 17.93
C HIS B 91 22.93 22.25 16.86
N LEU B 92 22.66 21.57 15.73
CA LEU B 92 22.03 22.20 14.59
C LEU B 92 20.92 21.32 14.00
N HIS B 93 20.06 22.01 13.23
CA HIS B 93 19.02 21.38 12.44
C HIS B 93 19.04 21.95 11.02
N TRP B 94 18.72 21.11 10.02
CA TRP B 94 18.87 21.50 8.63
C TRP B 94 18.00 20.64 7.69
N GLY B 95 17.92 21.08 6.43
CA GLY B 95 17.10 20.44 5.40
C GLY B 95 17.91 19.53 4.48
N ASN B 96 17.88 19.80 3.18
CA ASN B 96 18.54 18.94 2.20
C ASN B 96 18.86 19.79 0.97
N PRO B 97 19.80 19.37 0.08
CA PRO B 97 20.18 20.24 -1.05
C PRO B 97 19.04 20.56 -2.02
N ASN B 98 18.05 19.66 -2.12
CA ASN B 98 16.93 19.85 -3.04
C ASN B 98 15.89 20.80 -2.46
N ASP B 99 15.89 20.95 -1.13
CA ASP B 99 14.96 21.81 -0.43
C ASP B 99 15.66 22.34 0.82
N PRO B 100 16.50 23.40 0.68
CA PRO B 100 17.38 23.84 1.77
C PRO B 100 16.73 24.82 2.76
N HIS B 101 15.64 24.37 3.40
CA HIS B 101 14.86 25.16 4.34
C HIS B 101 14.52 24.32 5.58
N GLY B 102 15.51 24.10 6.45
CA GLY B 102 15.37 23.12 7.50
C GLY B 102 15.44 23.72 8.91
N SER B 103 15.14 25.02 9.09
CA SER B 103 14.97 25.56 10.43
C SER B 103 13.77 24.90 11.10
N GLU B 104 13.70 25.00 12.43
CA GLU B 104 12.63 24.38 13.20
C GLU B 104 11.52 25.41 13.36
N HIS B 105 11.89 26.58 13.91
CA HIS B 105 11.00 27.71 13.99
C HIS B 105 10.87 28.36 12.62
N THR B 106 9.66 28.84 12.36
CA THR B 106 9.35 29.61 11.17
C THR B 106 8.85 31.02 11.56
N VAL B 107 9.03 31.97 10.64
CA VAL B 107 8.58 33.34 10.87
C VAL B 107 7.64 33.73 9.74
N SER B 108 6.39 34.01 10.08
CA SER B 108 5.34 34.30 9.11
C SER B 108 5.27 33.23 8.03
N GLY B 109 5.41 31.97 8.45
CA GLY B 109 5.31 30.81 7.57
C GLY B 109 6.62 30.37 6.91
N GLN B 110 7.70 31.16 7.07
CA GLN B 110 8.89 31.01 6.26
C GLN B 110 9.96 30.25 7.03
N HIS B 111 10.38 29.12 6.44
CA HIS B 111 11.52 28.34 6.92
C HIS B 111 12.83 29.02 6.56
N PHE B 112 13.71 29.16 7.55
CA PHE B 112 15.09 29.53 7.27
C PHE B 112 15.89 28.26 6.89
N ALA B 113 17.13 28.49 6.44
CA ALA B 113 17.97 27.44 5.89
C ALA B 113 18.28 26.40 6.97
N ALA B 114 18.55 26.87 8.18
CA ALA B 114 19.02 26.02 9.26
C ALA B 114 18.71 26.71 10.60
N GLU B 115 19.00 26.05 11.72
CA GLU B 115 18.77 26.62 13.05
C GLU B 115 19.81 26.09 14.05
N LEU B 116 20.40 27.00 14.84
CA LEU B 116 21.38 26.67 15.87
C LEU B 116 20.68 26.73 17.24
N HIS B 117 20.95 25.75 18.12
CA HIS B 117 20.38 25.66 19.45
C HIS B 117 21.49 25.56 20.48
N ILE B 118 21.57 26.56 21.39
CA ILE B 118 22.51 26.58 22.52
C ILE B 118 21.74 26.23 23.80
N VAL B 119 22.00 25.02 24.30
CA VAL B 119 21.21 24.41 25.37
C VAL B 119 21.86 24.69 26.72
N HIS B 120 21.03 25.20 27.65
CA HIS B 120 21.42 25.52 29.02
C HIS B 120 20.43 24.89 30.01
N TYR B 121 20.91 24.67 31.24
CA TYR B 121 20.11 24.12 32.32
C TYR B 121 20.16 25.08 33.52
N ASN B 122 19.07 25.10 34.31
CA ASN B 122 18.95 25.93 35.50
C ASN B 122 19.87 25.39 36.59
N SER B 123 21.05 26.02 36.71
CA SER B 123 22.11 25.58 37.61
C SER B 123 21.89 26.09 39.03
N ASP B 124 21.01 27.09 39.20
CA ASP B 124 20.63 27.55 40.52
C ASP B 124 19.86 26.43 41.23
N LEU B 125 18.90 25.83 40.53
CA LEU B 125 17.94 24.90 41.12
C LEU B 125 18.45 23.47 41.10
N TYR B 126 19.19 23.09 40.04
CA TYR B 126 19.48 21.69 39.78
C TYR B 126 20.99 21.52 39.66
N PRO B 127 21.53 20.34 40.02
CA PRO B 127 22.98 20.10 40.04
C PRO B 127 23.61 19.75 38.69
N ASP B 128 22.76 19.43 37.69
CA ASP B 128 23.27 19.08 36.37
C ASP B 128 22.11 19.17 35.36
N ALA B 129 22.46 19.09 34.07
CA ALA B 129 21.47 19.15 33.00
C ALA B 129 20.57 17.92 33.05
N SER B 130 21.14 16.78 33.46
CA SER B 130 20.39 15.53 33.48
C SER B 130 19.15 15.64 34.35
N THR B 131 19.29 16.14 35.58
CA THR B 131 18.17 16.19 36.51
C THR B 131 17.30 17.41 36.19
N ALA B 132 17.88 18.47 35.60
CA ALA B 132 17.07 19.62 35.17
C ALA B 132 16.15 19.27 34.01
N SER B 133 16.57 18.35 33.12
CA SER B 133 15.97 18.15 31.82
C SER B 133 14.44 17.98 31.88
N ASN B 134 13.94 17.24 32.87
CA ASN B 134 12.52 16.92 32.93
C ASN B 134 11.87 17.52 34.17
N LYS B 135 12.38 18.68 34.64
CA LYS B 135 11.83 19.34 35.81
C LYS B 135 11.45 20.78 35.48
N SER B 136 10.63 21.36 36.36
CA SER B 136 10.13 22.72 36.20
C SER B 136 11.30 23.69 36.12
N GLU B 137 11.20 24.67 35.20
CA GLU B 137 12.20 25.70 35.00
C GLU B 137 13.59 25.11 34.70
N GLY B 138 13.61 23.93 34.07
CA GLY B 138 14.84 23.16 33.94
C GLY B 138 15.80 23.69 32.88
N LEU B 139 15.27 24.06 31.71
CA LEU B 139 16.12 24.33 30.55
C LEU B 139 15.79 25.68 29.94
N ALA B 140 16.82 26.33 29.37
CA ALA B 140 16.67 27.46 28.45
C ALA B 140 17.49 27.22 27.18
N VAL B 141 16.85 27.43 26.03
CA VAL B 141 17.54 27.21 24.76
C VAL B 141 17.51 28.53 24.00
N LEU B 142 18.69 28.92 23.49
CA LEU B 142 18.80 30.04 22.57
C LEU B 142 18.78 29.51 21.15
N ALA B 143 17.91 30.09 20.30
CA ALA B 143 17.79 29.72 18.90
C ALA B 143 18.29 30.85 18.00
N VAL B 144 19.22 30.53 17.08
CA VAL B 144 19.63 31.42 16.01
C VAL B 144 19.15 30.83 14.69
N LEU B 145 18.35 31.61 13.96
CA LEU B 145 17.90 31.25 12.64
C LEU B 145 19.03 31.50 11.64
N ILE B 146 19.19 30.60 10.68
CA ILE B 146 20.33 30.63 9.79
C ILE B 146 19.84 30.72 8.36
N GLU B 147 20.38 31.70 7.59
CA GLU B 147 20.01 31.84 6.19
C GLU B 147 21.26 31.73 5.31
N MET B 148 21.05 31.37 4.04
CA MET B 148 22.15 31.21 3.10
C MET B 148 22.53 32.59 2.58
N GLY B 149 23.82 32.89 2.64
CA GLY B 149 24.33 34.12 2.06
C GLY B 149 25.84 34.17 2.15
N SER B 150 26.33 35.06 3.02
CA SER B 150 27.76 35.28 3.24
C SER B 150 28.38 34.15 4.04
N PHE B 151 29.61 33.77 3.65
CA PHE B 151 30.49 32.93 4.46
C PHE B 151 30.58 33.46 5.88
N ASN B 152 30.60 32.52 6.84
CA ASN B 152 30.64 32.85 8.26
C ASN B 152 31.88 32.23 8.92
N PRO B 153 32.97 32.99 9.12
CA PRO B 153 34.17 32.43 9.76
C PRO B 153 33.93 31.73 11.09
N SER B 154 33.04 32.28 11.91
CA SER B 154 32.83 31.74 13.25
C SER B 154 32.15 30.37 13.18
N TYR B 155 31.05 30.25 12.41
CA TYR B 155 30.41 28.96 12.19
C TYR B 155 31.40 27.94 11.59
N ASP B 156 32.39 28.41 10.84
CA ASP B 156 33.32 27.51 10.17
C ASP B 156 34.30 26.86 11.15
N LYS B 157 34.47 27.48 12.32
CA LYS B 157 35.25 26.89 13.40
C LYS B 157 34.63 25.56 13.81
N ILE B 158 33.30 25.39 13.63
CA ILE B 158 32.61 24.12 13.81
C ILE B 158 32.61 23.33 12.50
N PHE B 159 32.18 23.97 11.39
CA PHE B 159 31.91 23.26 10.15
C PHE B 159 33.18 22.62 9.56
N SER B 160 34.33 23.25 9.78
CA SER B 160 35.58 22.74 9.22
C SER B 160 35.88 21.32 9.74
N HIS B 161 35.16 20.87 10.77
CA HIS B 161 35.41 19.54 11.36
C HIS B 161 34.42 18.48 10.86
N LEU B 162 33.44 18.88 10.03
CA LEU B 162 32.33 18.02 9.66
C LEU B 162 32.78 16.72 8.99
N GLN B 163 33.77 16.80 8.08
CA GLN B 163 34.14 15.63 7.27
C GLN B 163 34.98 14.67 8.12
N HIS B 164 35.14 14.98 9.40
CA HIS B 164 35.87 14.12 10.31
C HIS B 164 34.94 13.59 11.42
N VAL B 165 33.62 13.79 11.26
CA VAL B 165 32.61 13.17 12.11
C VAL B 165 31.43 12.70 11.25
N LYS B 166 31.74 12.10 10.09
CA LYS B 166 30.72 11.82 9.08
C LYS B 166 29.70 10.81 9.59
N TYR B 167 30.14 9.91 10.48
CA TYR B 167 29.33 8.75 10.86
C TYR B 167 29.01 8.79 12.35
N LYS B 168 27.90 8.13 12.70
CA LYS B 168 27.43 8.07 14.07
C LYS B 168 28.52 7.57 15.02
N GLY B 169 28.64 8.24 16.17
CA GLY B 169 29.60 7.86 17.21
C GLY B 169 30.96 8.54 17.09
N GLN B 170 31.31 9.07 15.91
CA GLN B 170 32.62 9.68 15.70
C GLN B 170 32.70 11.02 16.44
N GLU B 171 33.92 11.37 16.85
CA GLU B 171 34.18 12.55 17.67
C GLU B 171 35.35 13.35 17.10
N ALA B 172 35.36 14.64 17.39
CA ALA B 172 36.47 15.51 17.04
C ALA B 172 36.63 16.54 18.14
N PHE B 173 37.78 17.20 18.19
CA PHE B 173 37.99 18.28 19.14
C PHE B 173 38.02 19.63 18.42
N VAL B 174 37.37 20.62 19.07
CA VAL B 174 37.26 21.99 18.59
C VAL B 174 37.94 22.93 19.60
N PRO B 175 39.01 23.63 19.17
CA PRO B 175 39.66 24.64 20.01
C PRO B 175 38.64 25.70 20.44
N GLY B 176 38.73 26.10 21.72
CA GLY B 176 37.91 27.16 22.27
C GLY B 176 37.88 28.39 21.34
N PHE B 177 36.67 28.93 21.18
CA PHE B 177 36.49 30.19 20.47
C PHE B 177 35.29 30.90 21.07
N ASN B 178 35.05 32.14 20.62
CA ASN B 178 34.02 32.98 21.22
C ASN B 178 32.66 32.63 20.66
N ILE B 179 31.85 31.94 21.46
CA ILE B 179 30.56 31.39 21.02
C ILE B 179 29.59 32.53 20.70
N GLU B 180 29.81 33.70 21.31
CA GLU B 180 28.98 34.86 21.10
C GLU B 180 29.05 35.32 19.64
N GLU B 181 30.07 34.89 18.90
CA GLU B 181 30.20 35.22 17.48
C GLU B 181 29.25 34.40 16.61
N LEU B 182 28.52 33.42 17.17
CA LEU B 182 27.52 32.66 16.44
C LEU B 182 26.17 33.39 16.50
N LEU B 183 26.08 34.35 17.43
CA LEU B 183 24.84 35.08 17.67
C LEU B 183 24.66 36.17 16.64
N PRO B 184 23.41 36.49 16.30
CA PRO B 184 23.14 37.54 15.33
C PRO B 184 23.34 38.94 15.89
N GLU B 185 23.03 39.94 15.07
CA GLU B 185 23.06 41.32 15.49
C GLU B 185 21.84 41.59 16.37
N ARG B 186 22.00 42.54 17.28
CA ARG B 186 20.91 43.04 18.13
C ARG B 186 20.24 41.88 18.85
N THR B 187 21.04 41.17 19.66
CA THR B 187 20.53 40.06 20.46
C THR B 187 19.49 40.53 21.48
N ALA B 188 19.34 41.86 21.64
CA ALA B 188 18.37 42.41 22.57
C ALA B 188 16.96 42.14 22.05
N GLU B 189 16.85 41.98 20.72
CA GLU B 189 15.59 41.70 20.04
C GLU B 189 15.39 40.20 19.90
N TYR B 190 14.30 39.68 20.50
CA TYR B 190 14.01 38.26 20.51
C TYR B 190 12.53 37.97 20.77
N TYR B 191 12.12 36.75 20.36
CA TYR B 191 10.88 36.08 20.72
C TYR B 191 11.09 35.21 21.97
N ARG B 192 10.12 35.25 22.91
CA ARG B 192 10.20 34.47 24.15
C ARG B 192 8.89 33.70 24.36
N TYR B 193 9.02 32.39 24.70
CA TYR B 193 7.86 31.55 25.02
C TYR B 193 8.27 30.28 25.75
N ARG B 194 7.27 29.67 26.40
CA ARG B 194 7.44 28.43 27.14
C ARG B 194 7.10 27.26 26.22
N GLY B 195 8.05 26.32 26.07
CA GLY B 195 7.89 25.21 25.15
C GLY B 195 8.62 23.94 25.60
N SER B 196 9.12 23.16 24.64
CA SER B 196 9.57 21.79 24.85
C SER B 196 10.88 21.56 24.09
N LEU B 197 11.58 20.46 24.41
CA LEU B 197 12.57 19.90 23.49
C LEU B 197 11.85 19.55 22.20
N THR B 198 12.52 19.81 21.06
CA THR B 198 11.98 19.52 19.76
C THR B 198 12.33 18.12 19.28
N THR B 199 13.13 17.40 20.10
CA THR B 199 13.38 15.98 19.91
C THR B 199 12.89 15.20 21.13
N PRO B 200 12.57 13.88 20.97
CA PRO B 200 12.32 12.99 22.11
C PRO B 200 13.42 13.23 23.14
N PRO B 201 13.11 13.24 24.47
CA PRO B 201 11.77 12.96 24.99
C PRO B 201 10.67 14.04 24.90
N CYS B 202 10.97 15.21 24.32
CA CYS B 202 9.99 16.28 24.08
C CYS B 202 9.51 16.88 25.41
N ASN B 203 10.40 16.90 26.42
CA ASN B 203 10.04 17.36 27.76
C ASN B 203 9.56 18.81 27.66
N PRO B 204 8.39 19.21 28.25
CA PRO B 204 7.91 20.59 28.11
C PRO B 204 8.51 21.51 29.15
N THR B 205 9.86 21.55 29.19
CA THR B 205 10.63 22.19 30.26
C THR B 205 11.53 23.32 29.76
N VAL B 206 11.25 23.89 28.56
CA VAL B 206 12.18 24.82 27.92
C VAL B 206 11.58 26.21 27.87
N LEU B 207 12.34 27.17 28.41
CA LEU B 207 12.15 28.57 28.13
C LEU B 207 12.92 28.92 26.84
N TRP B 208 12.16 29.27 25.78
CA TRP B 208 12.71 29.55 24.46
C TRP B 208 13.01 31.04 24.29
N THR B 209 14.20 31.30 23.75
CA THR B 209 14.60 32.59 23.24
C THR B 209 15.06 32.42 21.79
N VAL B 210 14.25 32.91 20.84
CA VAL B 210 14.61 32.87 19.43
C VAL B 210 14.94 34.30 19.00
N PHE B 211 16.19 34.52 18.59
CA PHE B 211 16.62 35.86 18.19
C PHE B 211 15.82 36.29 16.96
N ARG B 212 15.50 37.60 16.92
CA ARG B 212 14.74 38.19 15.81
C ARG B 212 15.52 38.08 14.50
N ASN B 213 16.83 38.32 14.54
CA ASN B 213 17.59 38.51 13.30
C ASN B 213 18.34 37.23 12.94
N PRO B 214 18.38 36.84 11.65
CA PRO B 214 19.16 35.67 11.23
C PRO B 214 20.66 35.98 11.12
N VAL B 215 21.51 34.93 11.18
CA VAL B 215 22.89 34.98 10.68
C VAL B 215 22.93 34.39 9.27
N GLN B 216 24.04 34.64 8.55
CA GLN B 216 24.26 34.06 7.23
C GLN B 216 25.44 33.08 7.27
N ILE B 217 25.33 31.98 6.51
CA ILE B 217 26.45 31.11 6.14
C ILE B 217 26.44 30.96 4.63
N SER B 218 27.57 30.52 4.06
CA SER B 218 27.69 30.40 2.61
C SER B 218 26.91 29.19 2.10
N GLN B 219 26.59 29.21 0.80
CA GLN B 219 26.02 28.06 0.13
C GLN B 219 26.93 26.84 0.35
N GLU B 220 28.24 27.10 0.33
CA GLU B 220 29.20 26.01 0.48
C GLU B 220 29.10 25.44 1.89
N GLN B 221 29.04 26.31 2.90
CA GLN B 221 28.92 25.89 4.29
C GLN B 221 27.64 25.06 4.44
N LEU B 222 26.52 25.56 3.89
CA LEU B 222 25.24 24.88 4.02
C LEU B 222 25.29 23.48 3.38
N LEU B 223 25.90 23.38 2.18
CA LEU B 223 25.95 22.13 1.44
C LEU B 223 26.78 21.11 2.21
N ALA B 224 27.90 21.53 2.82
CA ALA B 224 28.70 20.65 3.65
C ALA B 224 27.85 20.10 4.80
N LEU B 225 27.09 20.99 5.44
CA LEU B 225 26.26 20.60 6.57
C LEU B 225 25.21 19.59 6.09
N GLU B 226 24.62 19.85 4.91
CA GLU B 226 23.57 19.00 4.39
C GLU B 226 24.07 17.67 3.79
N THR B 227 25.38 17.50 3.53
CA THR B 227 25.85 16.35 2.75
C THR B 227 26.98 15.56 3.42
N ALA B 228 27.56 16.08 4.51
CA ALA B 228 28.75 15.46 5.08
C ALA B 228 28.41 14.30 6.01
N LEU B 229 27.20 14.34 6.63
CA LEU B 229 26.95 13.54 7.81
C LEU B 229 25.93 12.43 7.52
N TYR B 230 26.11 11.29 8.22
CA TYR B 230 25.20 10.15 8.14
C TYR B 230 24.69 9.79 9.54
N CYS B 231 23.44 9.31 9.60
CA CYS B 231 22.82 8.86 10.84
C CYS B 231 23.37 7.48 11.27
N THR B 232 24.05 6.77 10.36
CA THR B 232 24.44 5.37 10.54
C THR B 232 25.93 5.24 10.88
N HIS B 233 26.33 4.09 11.43
CA HIS B 233 27.75 3.84 11.70
C HIS B 233 28.49 3.67 10.37
N MET B 234 29.82 3.71 10.46
CA MET B 234 30.72 3.78 9.31
C MET B 234 30.51 2.59 8.37
N ASP B 235 30.38 1.38 8.92
CA ASP B 235 30.45 0.17 8.10
C ASP B 235 29.07 -0.42 7.83
N ASP B 236 28.00 0.28 8.23
CA ASP B 236 26.65 -0.19 7.95
C ASP B 236 26.51 -0.37 6.45
N PRO B 237 26.11 -1.58 5.97
CA PRO B 237 25.90 -1.83 4.54
C PRO B 237 24.93 -0.88 3.83
N SER B 238 23.91 -0.38 4.56
CA SER B 238 22.96 0.57 4.01
C SER B 238 23.01 1.88 4.79
N PRO B 239 23.83 2.87 4.36
CA PRO B 239 23.91 4.16 5.06
C PRO B 239 22.64 5.00 4.89
N ARG B 240 22.40 5.92 5.84
CA ARG B 240 21.26 6.83 5.77
C ARG B 240 21.77 8.25 6.02
N GLU B 241 21.44 9.17 5.10
CA GLU B 241 21.97 10.53 5.14
C GLU B 241 21.33 11.29 6.29
N MET B 242 22.09 12.14 6.96
CA MET B 242 21.53 12.99 8.00
C MET B 242 21.08 14.28 7.33
N ILE B 243 19.80 14.28 6.93
CA ILE B 243 19.16 15.40 6.27
C ILE B 243 17.77 15.54 6.91
N ASN B 244 17.18 16.73 6.74
CA ASN B 244 15.82 17.00 7.18
C ASN B 244 15.63 16.62 8.65
N ASN B 245 16.57 17.03 9.52
CA ASN B 245 16.55 16.67 10.93
C ASN B 245 15.91 17.81 11.73
N PHE B 246 14.71 18.21 11.32
CA PHE B 246 13.93 19.24 11.99
C PHE B 246 12.51 18.73 12.18
N ARG B 247 11.85 19.21 13.24
CA ARG B 247 10.47 18.82 13.51
C ARG B 247 9.56 19.84 12.83
N GLN B 248 8.40 19.40 12.31
CA GLN B 248 7.42 20.33 11.79
C GLN B 248 6.92 21.25 12.92
N VAL B 249 6.40 22.43 12.58
CA VAL B 249 5.79 23.27 13.61
C VAL B 249 4.53 22.62 14.19
N GLN B 250 4.30 22.95 15.47
CA GLN B 250 3.21 22.45 16.30
C GLN B 250 2.08 23.49 16.40
N LYS B 251 0.86 22.99 16.66
CA LYS B 251 -0.26 23.83 17.06
C LYS B 251 0.13 24.68 18.27
N PHE B 252 -0.33 25.94 18.26
CA PHE B 252 -0.07 26.92 19.30
C PHE B 252 -1.31 27.82 19.45
N ASP B 253 -2.25 27.38 20.31
CA ASP B 253 -3.58 27.98 20.41
C ASP B 253 -3.74 28.45 21.86
N GLU B 254 -4.43 29.58 22.05
CA GLU B 254 -4.79 30.09 23.38
C GLU B 254 -3.54 30.53 24.17
N ARG B 255 -2.45 30.86 23.47
CA ARG B 255 -1.21 31.28 24.12
C ARG B 255 -0.60 32.45 23.36
N LEU B 256 0.44 33.05 23.96
CA LEU B 256 1.18 34.15 23.34
C LEU B 256 2.68 33.87 23.38
N VAL B 257 3.34 34.35 22.32
CA VAL B 257 4.78 34.55 22.29
C VAL B 257 5.05 36.02 22.60
N TYR B 258 6.02 36.31 23.46
CA TYR B 258 6.33 37.68 23.83
C TYR B 258 7.58 38.17 23.08
N THR B 259 7.53 39.41 22.57
CA THR B 259 8.62 40.02 21.83
C THR B 259 9.26 41.17 22.62
N SER B 260 10.60 41.31 22.54
CA SER B 260 11.32 42.39 23.20
C SER B 260 11.46 43.59 22.26
N PHE B 261 10.93 43.46 21.05
CA PHE B 261 10.93 44.49 20.02
C PHE B 261 9.47 44.76 19.67
N SER B 262 9.13 45.92 19.10
CA SER B 262 7.74 46.23 18.78
C SER B 262 7.53 46.26 17.26
N LYS C 3 -11.79 7.20 18.79
CA LYS C 3 -11.87 8.63 19.19
C LYS C 3 -10.55 9.34 18.88
N TRP C 4 -10.68 10.48 18.21
CA TRP C 4 -9.53 11.31 17.85
C TRP C 4 -10.02 12.75 17.84
N THR C 5 -9.10 13.69 18.12
CA THR C 5 -9.37 15.10 18.20
C THR C 5 -8.27 15.89 17.51
N TYR C 6 -8.47 17.21 17.38
CA TYR C 6 -7.45 18.13 16.92
C TYR C 6 -6.73 18.84 18.07
N PHE C 7 -7.02 18.49 19.34
CA PHE C 7 -6.39 19.18 20.46
C PHE C 7 -6.23 18.22 21.65
N GLY C 8 -5.12 18.38 22.37
CA GLY C 8 -4.88 17.67 23.62
C GLY C 8 -4.43 16.24 23.38
N PRO C 9 -4.58 15.33 24.38
CA PRO C 9 -3.97 14.00 24.33
C PRO C 9 -4.34 13.09 23.16
N ASP C 10 -5.52 13.27 22.55
CA ASP C 10 -5.93 12.48 21.39
C ASP C 10 -5.75 13.27 20.10
N GLY C 11 -4.96 14.37 20.17
CA GLY C 11 -4.62 15.23 19.06
C GLY C 11 -3.65 14.59 18.06
N GLU C 12 -3.23 15.35 17.05
CA GLU C 12 -2.70 14.74 15.83
C GLU C 12 -1.34 14.04 16.01
N ASN C 13 -0.54 14.41 16.99
CA ASN C 13 0.72 13.71 17.25
C ASN C 13 0.48 12.31 17.81
N SER C 14 -0.77 12.02 18.23
CA SER C 14 -1.10 10.75 18.86
C SER C 14 -1.99 9.89 17.94
N TRP C 15 -2.39 10.40 16.78
CA TRP C 15 -3.23 9.64 15.86
C TRP C 15 -2.62 8.26 15.52
N SER C 16 -1.29 8.20 15.34
CA SER C 16 -0.58 7.02 14.87
C SER C 16 -0.78 5.82 15.82
N LYS C 17 -1.28 6.05 17.03
CA LYS C 17 -1.40 4.99 18.02
C LYS C 17 -2.47 3.98 17.56
N LYS C 18 -3.65 4.49 17.20
CA LYS C 18 -4.79 3.65 16.85
C LYS C 18 -4.95 3.60 15.34
N TYR C 19 -4.39 4.62 14.66
CA TYR C 19 -4.48 4.75 13.21
C TYR C 19 -3.07 4.76 12.63
N PRO C 20 -2.40 3.59 12.52
CA PRO C 20 -1.00 3.50 12.10
C PRO C 20 -0.61 4.22 10.81
N SER C 21 -1.54 4.31 9.85
CA SER C 21 -1.32 5.02 8.59
C SER C 21 -1.05 6.51 8.79
N CYS C 22 -1.58 7.10 9.87
CA CYS C 22 -1.31 8.50 10.17
C CYS C 22 0.19 8.75 10.39
N GLY C 23 0.95 7.69 10.73
CA GLY C 23 2.40 7.73 10.81
C GLY C 23 3.06 7.05 9.60
N GLY C 24 2.33 6.97 8.48
CA GLY C 24 2.77 6.20 7.32
C GLY C 24 3.15 7.07 6.13
N LEU C 25 3.00 6.49 4.92
CA LEU C 25 3.44 7.09 3.68
C LEU C 25 2.39 8.06 3.15
N LEU C 26 2.87 8.98 2.28
CA LEU C 26 2.05 9.82 1.43
C LEU C 26 1.08 10.67 2.25
N GLN C 27 1.49 11.13 3.44
CA GLN C 27 0.60 11.89 4.31
C GLN C 27 0.35 13.29 3.74
N SER C 28 -0.89 13.78 3.94
CA SER C 28 -1.35 15.11 3.59
C SER C 28 -1.82 15.81 4.87
N PRO C 29 -1.92 17.17 4.92
CA PRO C 29 -1.59 18.08 3.82
C PRO C 29 -0.11 18.47 3.81
N ILE C 30 0.25 19.34 2.87
CA ILE C 30 1.62 19.73 2.60
C ILE C 30 1.69 21.22 2.30
N ASP C 31 2.90 21.78 2.46
CA ASP C 31 3.17 23.14 1.98
C ASP C 31 3.57 23.12 0.50
N LEU C 32 2.84 23.88 -0.33
CA LEU C 32 3.11 23.95 -1.76
C LEU C 32 4.09 25.11 -2.02
N HIS C 33 5.38 24.78 -2.24
CA HIS C 33 6.42 25.78 -2.42
C HIS C 33 7.35 25.36 -3.57
N SER C 34 8.13 26.31 -4.09
CA SER C 34 8.73 26.18 -5.40
C SER C 34 9.66 24.96 -5.49
N ASP C 35 10.34 24.59 -4.40
CA ASP C 35 11.39 23.59 -4.41
C ASP C 35 10.88 22.18 -4.73
N ILE C 36 9.57 21.97 -4.60
CA ILE C 36 8.99 20.64 -4.76
C ILE C 36 7.90 20.65 -5.84
N LEU C 37 7.77 21.76 -6.58
CA LEU C 37 6.80 21.88 -7.67
C LEU C 37 7.46 21.53 -9.01
N GLN C 38 6.64 21.15 -9.99
CA GLN C 38 7.14 20.84 -11.33
C GLN C 38 5.96 20.90 -12.31
N TYR C 39 6.13 21.69 -13.37
CA TYR C 39 5.08 21.82 -14.37
C TYR C 39 4.93 20.49 -15.11
N ASP C 40 3.67 20.10 -15.33
CA ASP C 40 3.35 18.94 -16.15
C ASP C 40 2.38 19.40 -17.23
N ALA C 41 2.88 19.47 -18.47
CA ALA C 41 2.14 20.00 -19.60
C ALA C 41 0.98 19.09 -20.01
N SER C 42 1.01 17.83 -19.57
CA SER C 42 0.00 16.82 -19.88
C SER C 42 -1.23 16.88 -18.96
N LEU C 43 -1.20 17.66 -17.87
CA LEU C 43 -2.36 17.79 -17.00
C LEU C 43 -3.49 18.55 -17.72
N THR C 44 -4.67 17.93 -17.84
CA THR C 44 -5.82 18.56 -18.51
C THR C 44 -6.78 19.19 -17.48
N PRO C 45 -7.62 20.18 -17.89
CA PRO C 45 -8.67 20.72 -17.03
C PRO C 45 -9.68 19.64 -16.64
N LEU C 46 -10.07 19.64 -15.36
CA LEU C 46 -11.21 18.85 -14.93
C LEU C 46 -12.47 19.46 -15.51
N GLU C 47 -13.43 18.57 -15.83
CA GLU C 47 -14.78 18.97 -16.20
C GLU C 47 -15.70 18.47 -15.08
N PHE C 48 -16.61 19.35 -14.65
CA PHE C 48 -17.48 19.10 -13.51
C PHE C 48 -18.89 18.83 -14.02
N GLN C 49 -19.38 17.59 -13.83
CA GLN C 49 -20.64 17.14 -14.40
C GLN C 49 -21.66 16.80 -13.30
N GLY C 50 -22.90 17.28 -13.47
CA GLY C 50 -23.95 17.02 -12.51
C GLY C 50 -23.78 17.76 -11.18
N TYR C 51 -22.95 18.83 -11.17
CA TYR C 51 -22.73 19.69 -10.01
C TYR C 51 -23.89 20.67 -9.80
N ASN C 52 -24.72 20.91 -10.84
CA ASN C 52 -25.86 21.78 -10.67
C ASN C 52 -27.02 20.95 -10.10
N LEU C 53 -27.08 20.88 -8.76
CA LEU C 53 -28.03 20.01 -8.09
C LEU C 53 -29.42 20.65 -8.16
N SER C 54 -30.45 19.83 -8.36
CA SER C 54 -31.79 20.38 -8.53
C SER C 54 -32.28 20.99 -7.21
N ALA C 55 -32.92 22.17 -7.33
CA ALA C 55 -33.49 22.89 -6.21
C ALA C 55 -34.64 22.09 -5.58
N ASN C 56 -35.31 21.25 -6.39
CA ASN C 56 -36.45 20.48 -5.91
C ASN C 56 -35.98 19.24 -5.14
N LYS C 57 -34.67 18.93 -5.20
CA LYS C 57 -34.10 17.89 -4.36
C LYS C 57 -33.37 18.50 -3.17
N GLN C 58 -33.04 17.62 -2.20
CA GLN C 58 -32.37 18.06 -0.99
C GLN C 58 -31.29 17.08 -0.57
N PHE C 59 -30.34 17.60 0.20
CA PHE C 59 -29.07 16.94 0.48
C PHE C 59 -28.76 17.07 1.97
N LEU C 60 -28.26 15.97 2.57
CA LEU C 60 -28.19 15.88 4.02
C LEU C 60 -26.93 16.57 4.52
N LEU C 61 -27.09 17.49 5.47
CA LEU C 61 -25.96 18.14 6.11
C LEU C 61 -25.80 17.57 7.52
N THR C 62 -24.55 17.27 7.92
CA THR C 62 -24.30 16.52 9.14
C THR C 62 -23.10 17.10 9.88
N ASN C 63 -23.26 17.28 11.20
CA ASN C 63 -22.12 17.53 12.08
C ASN C 63 -21.64 16.16 12.56
N ASN C 64 -20.42 15.77 12.16
CA ASN C 64 -19.90 14.45 12.42
C ASN C 64 -18.91 14.48 13.59
N GLY C 65 -18.79 15.67 14.21
CA GLY C 65 -17.96 15.86 15.39
C GLY C 65 -16.54 16.33 15.08
N HIS C 66 -16.21 16.39 13.79
CA HIS C 66 -14.91 16.80 13.30
C HIS C 66 -15.01 17.96 12.28
N SER C 67 -16.12 18.02 11.54
CA SER C 67 -16.36 19.02 10.52
C SER C 67 -17.87 19.12 10.31
N VAL C 68 -18.30 20.04 9.44
CA VAL C 68 -19.64 19.98 8.88
C VAL C 68 -19.54 19.39 7.47
N LYS C 69 -20.45 18.44 7.16
CA LYS C 69 -20.41 17.57 6.00
C LYS C 69 -21.73 17.66 5.22
N LEU C 70 -21.65 17.84 3.88
CA LEU C 70 -22.83 17.77 3.02
C LEU C 70 -22.72 16.52 2.12
N ASN C 71 -23.74 15.66 2.17
CA ASN C 71 -23.77 14.48 1.31
C ASN C 71 -24.06 14.90 -0.14
N LEU C 72 -23.41 14.19 -1.07
CA LEU C 72 -23.48 14.51 -2.49
C LEU C 72 -23.85 13.25 -3.27
N PRO C 73 -24.58 13.38 -4.40
CA PRO C 73 -25.06 12.20 -5.13
C PRO C 73 -23.99 11.66 -6.08
N SER C 74 -24.05 10.35 -6.36
CA SER C 74 -23.07 9.68 -7.20
C SER C 74 -23.26 10.00 -8.69
N ASP C 75 -24.37 10.68 -9.05
CA ASP C 75 -24.56 11.19 -10.40
C ASP C 75 -23.81 12.51 -10.59
N MET C 76 -23.12 12.97 -9.54
CA MET C 76 -22.24 14.12 -9.63
C MET C 76 -20.82 13.58 -9.84
N HIS C 77 -20.07 14.05 -10.84
CA HIS C 77 -18.77 13.45 -11.13
C HIS C 77 -17.77 14.40 -11.81
N ILE C 78 -16.49 14.00 -11.75
CA ILE C 78 -15.40 14.69 -12.44
C ILE C 78 -14.93 13.87 -13.62
N GLN C 79 -14.65 14.58 -14.71
CA GLN C 79 -13.98 14.03 -15.88
C GLN C 79 -12.60 14.69 -15.99
N GLY C 80 -11.59 13.92 -16.42
CA GLY C 80 -10.25 14.45 -16.58
C GLY C 80 -9.21 13.69 -15.77
N LEU C 81 -9.62 12.61 -15.11
CA LEU C 81 -8.69 11.68 -14.47
C LEU C 81 -8.71 10.37 -15.25
N GLN C 82 -7.89 9.39 -14.82
CA GLN C 82 -7.77 8.07 -15.44
C GLN C 82 -9.09 7.31 -15.40
N SER C 83 -9.87 7.55 -14.32
CA SER C 83 -11.17 6.93 -14.12
C SER C 83 -12.20 8.03 -13.88
N ARG C 84 -13.49 7.66 -14.04
CA ARG C 84 -14.58 8.50 -13.59
C ARG C 84 -14.61 8.44 -12.06
N TYR C 85 -14.58 9.62 -11.43
CA TYR C 85 -14.78 9.73 -9.99
C TYR C 85 -16.13 10.36 -9.71
N SER C 86 -16.90 9.75 -8.80
CA SER C 86 -18.21 10.24 -8.41
C SER C 86 -18.16 10.82 -6.99
N ALA C 87 -18.93 11.92 -6.80
CA ALA C 87 -18.97 12.67 -5.56
C ALA C 87 -19.67 11.87 -4.47
N THR C 88 -19.15 12.01 -3.22
CA THR C 88 -19.75 11.39 -2.04
C THR C 88 -20.05 12.46 -0.98
N GLN C 89 -19.16 13.44 -0.76
CA GLN C 89 -19.45 14.48 0.22
C GLN C 89 -18.49 15.65 0.09
N LEU C 90 -18.89 16.79 0.67
CA LEU C 90 -17.95 17.89 0.87
C LEU C 90 -17.97 18.32 2.33
N HIS C 91 -16.88 18.94 2.77
CA HIS C 91 -16.78 19.41 4.14
C HIS C 91 -15.74 20.51 4.20
N LEU C 92 -15.54 21.13 5.38
CA LEU C 92 -14.66 22.27 5.54
C LEU C 92 -13.69 22.12 6.72
N HIS C 93 -12.64 22.95 6.70
CA HIS C 93 -11.61 23.04 7.73
C HIS C 93 -11.37 24.51 8.03
N TRP C 94 -11.19 24.87 9.31
CA TRP C 94 -11.06 26.27 9.71
C TRP C 94 -10.26 26.44 11.00
N GLY C 95 -9.87 27.70 11.26
CA GLY C 95 -9.10 28.07 12.44
C GLY C 95 -9.97 28.54 13.61
N ASN C 96 -9.69 29.76 14.09
CA ASN C 96 -10.38 30.30 15.26
C ASN C 96 -10.36 31.83 15.23
N PRO C 97 -11.29 32.52 15.93
CA PRO C 97 -11.41 33.98 15.81
C PRO C 97 -10.15 34.78 16.12
N ASN C 98 -9.32 34.30 17.06
CA ASN C 98 -8.08 34.96 17.44
C ASN C 98 -6.97 34.78 16.41
N ASP C 99 -7.10 33.76 15.54
CA ASP C 99 -6.06 33.39 14.59
C ASP C 99 -6.76 32.72 13.42
N PRO C 100 -7.40 33.52 12.53
CA PRO C 100 -8.31 33.01 11.51
C PRO C 100 -7.59 32.50 10.25
N HIS C 101 -6.75 31.50 10.46
CA HIS C 101 -5.92 30.88 9.45
C HIS C 101 -5.94 29.37 9.69
N GLY C 102 -6.94 28.70 9.11
CA GLY C 102 -7.14 27.28 9.33
C GLY C 102 -7.33 26.45 8.07
N SER C 103 -6.69 26.86 6.97
CA SER C 103 -6.55 25.96 5.82
C SER C 103 -5.61 24.81 6.19
N GLU C 104 -5.73 23.71 5.45
CA GLU C 104 -4.86 22.55 5.64
C GLU C 104 -3.60 22.72 4.80
N HIS C 105 -3.80 22.87 3.48
CA HIS C 105 -2.69 23.18 2.59
C HIS C 105 -2.25 24.62 2.83
N THR C 106 -0.93 24.85 2.71
CA THR C 106 -0.33 26.17 2.69
C THR C 106 0.38 26.36 1.35
N VAL C 107 0.54 27.63 0.94
CA VAL C 107 1.25 27.99 -0.28
C VAL C 107 2.36 28.96 0.10
N SER C 108 3.60 28.58 -0.23
CA SER C 108 4.79 29.32 0.18
C SER C 108 4.71 29.70 1.66
N GLY C 109 4.33 28.72 2.50
CA GLY C 109 4.27 28.87 3.95
C GLY C 109 3.03 29.64 4.46
N GLN C 110 2.14 30.08 3.57
CA GLN C 110 1.01 30.88 4.04
C GLN C 110 -0.26 30.03 4.18
N HIS C 111 -0.87 30.11 5.39
CA HIS C 111 -2.18 29.51 5.66
C HIS C 111 -3.26 30.43 5.11
N PHE C 112 -4.32 29.85 4.54
CA PHE C 112 -5.51 30.62 4.19
C PHE C 112 -6.49 30.58 5.37
N ALA C 113 -7.63 31.30 5.25
CA ALA C 113 -8.61 31.34 6.33
C ALA C 113 -9.22 29.97 6.59
N ALA C 114 -9.58 29.27 5.50
CA ALA C 114 -10.28 27.99 5.59
C ALA C 114 -10.03 27.20 4.32
N GLU C 115 -10.58 25.97 4.21
CA GLU C 115 -10.40 25.11 3.04
C GLU C 115 -11.62 24.22 2.88
N LEU C 116 -12.09 24.10 1.63
CA LEU C 116 -13.20 23.23 1.24
C LEU C 116 -12.64 21.99 0.56
N HIS C 117 -13.09 20.80 1.02
CA HIS C 117 -12.81 19.54 0.37
C HIS C 117 -14.05 18.86 -0.22
N ILE C 118 -13.97 18.52 -1.51
CA ILE C 118 -15.06 17.83 -2.20
C ILE C 118 -14.54 16.44 -2.58
N VAL C 119 -15.03 15.43 -1.86
CA VAL C 119 -14.51 14.08 -1.89
C VAL C 119 -15.26 13.27 -2.96
N HIS C 120 -14.48 12.51 -3.76
CA HIS C 120 -15.00 11.60 -4.79
C HIS C 120 -14.35 10.22 -4.67
N TYR C 121 -15.05 9.20 -5.19
CA TYR C 121 -14.59 7.82 -5.18
C TYR C 121 -14.56 7.31 -6.63
N ASN C 122 -13.75 6.27 -6.89
CA ASN C 122 -13.53 5.77 -8.25
C ASN C 122 -14.70 4.86 -8.64
N SER C 123 -15.68 5.40 -9.39
CA SER C 123 -16.95 4.73 -9.63
C SER C 123 -16.91 3.84 -10.86
N ASP C 124 -15.76 3.79 -11.56
CA ASP C 124 -15.55 2.79 -12.60
C ASP C 124 -15.09 1.50 -11.95
N LEU C 125 -14.25 1.60 -10.91
CA LEU C 125 -13.59 0.45 -10.30
C LEU C 125 -14.39 -0.12 -9.14
N TYR C 126 -15.16 0.74 -8.45
CA TYR C 126 -15.66 0.43 -7.13
C TYR C 126 -17.11 0.86 -7.00
N PRO C 127 -17.94 0.09 -6.23
CA PRO C 127 -19.38 0.33 -6.16
C PRO C 127 -19.79 1.52 -5.30
N ASP C 128 -18.96 1.85 -4.30
CA ASP C 128 -19.29 2.85 -3.29
C ASP C 128 -18.01 3.45 -2.69
N ALA C 129 -18.14 4.52 -1.90
CA ALA C 129 -17.01 5.20 -1.30
C ALA C 129 -16.36 4.32 -0.23
N SER C 130 -17.18 3.54 0.50
CA SER C 130 -16.70 2.63 1.54
C SER C 130 -15.59 1.75 0.98
N THR C 131 -15.94 0.99 -0.05
CA THR C 131 -15.02 0.08 -0.72
C THR C 131 -13.75 0.84 -1.11
N ALA C 132 -13.97 1.97 -1.80
CA ALA C 132 -12.93 2.73 -2.47
C ALA C 132 -11.93 3.33 -1.48
N SER C 133 -12.32 3.54 -0.22
CA SER C 133 -11.57 4.40 0.70
C SER C 133 -10.21 3.81 1.06
N ASN C 134 -10.08 2.49 1.17
CA ASN C 134 -8.80 1.92 1.61
C ASN C 134 -8.17 1.12 0.48
N LYS C 135 -8.46 1.50 -0.77
CA LYS C 135 -7.91 0.82 -1.93
C LYS C 135 -7.21 1.79 -2.88
N SER C 136 -6.31 1.20 -3.69
CA SER C 136 -5.54 1.95 -4.66
C SER C 136 -6.48 2.65 -5.65
N GLU C 137 -6.12 3.88 -5.99
CA GLU C 137 -6.90 4.69 -6.93
C GLU C 137 -8.25 5.04 -6.31
N GLY C 138 -8.31 5.01 -4.97
CA GLY C 138 -9.57 5.00 -4.25
C GLY C 138 -10.34 6.29 -4.41
N LEU C 139 -9.72 7.40 -4.00
CA LEU C 139 -10.42 8.66 -3.80
C LEU C 139 -9.75 9.77 -4.61
N ALA C 140 -10.57 10.76 -5.02
CA ALA C 140 -10.10 12.03 -5.54
C ALA C 140 -10.78 13.15 -4.77
N VAL C 141 -9.97 14.05 -4.18
CA VAL C 141 -10.43 15.17 -3.39
C VAL C 141 -10.00 16.47 -4.09
N LEU C 142 -10.97 17.36 -4.33
CA LEU C 142 -10.74 18.71 -4.80
C LEU C 142 -10.64 19.62 -3.58
N ALA C 143 -9.62 20.51 -3.53
CA ALA C 143 -9.45 21.43 -2.41
C ALA C 143 -9.54 22.88 -2.91
N VAL C 144 -10.43 23.67 -2.28
CA VAL C 144 -10.53 25.10 -2.52
C VAL C 144 -10.00 25.87 -1.32
N LEU C 145 -9.05 26.79 -1.56
CA LEU C 145 -8.54 27.72 -0.56
C LEU C 145 -9.46 28.94 -0.40
N ILE C 146 -9.76 29.28 0.87
CA ILE C 146 -10.70 30.32 1.22
C ILE C 146 -9.98 31.43 1.99
N GLU C 147 -10.12 32.66 1.50
CA GLU C 147 -9.62 33.83 2.20
C GLU C 147 -10.76 34.81 2.50
N MET C 148 -10.44 35.81 3.33
CA MET C 148 -11.38 36.85 3.71
C MET C 148 -11.56 37.85 2.56
N GLY C 149 -12.81 38.24 2.29
CA GLY C 149 -13.11 39.25 1.29
C GLY C 149 -14.60 39.59 1.22
N SER C 150 -15.14 39.63 0.01
CA SER C 150 -16.52 39.99 -0.23
C SER C 150 -17.47 38.83 0.11
N PHE C 151 -18.73 39.18 0.43
CA PHE C 151 -19.75 38.22 0.79
C PHE C 151 -19.93 37.22 -0.36
N ASN C 152 -20.08 35.94 0.01
CA ASN C 152 -20.20 34.87 -0.97
C ASN C 152 -21.57 34.23 -0.86
N PRO C 153 -22.55 34.64 -1.71
CA PRO C 153 -23.90 34.08 -1.66
C PRO C 153 -23.94 32.56 -1.85
N SER C 154 -22.95 32.01 -2.56
CA SER C 154 -22.88 30.57 -2.79
C SER C 154 -22.47 29.81 -1.53
N TYR C 155 -21.48 30.32 -0.78
CA TYR C 155 -21.06 29.62 0.44
C TYR C 155 -22.14 29.75 1.52
N ASP C 156 -22.94 30.82 1.43
CA ASP C 156 -24.00 31.05 2.40
C ASP C 156 -25.14 30.04 2.23
N LYS C 157 -25.20 29.34 1.08
CA LYS C 157 -26.17 28.26 0.92
C LYS C 157 -25.87 27.11 1.87
N ILE C 158 -24.61 27.02 2.34
CA ILE C 158 -24.22 26.07 3.37
C ILE C 158 -24.33 26.73 4.74
N PHE C 159 -23.71 27.89 4.91
CA PHE C 159 -23.59 28.52 6.22
C PHE C 159 -24.93 28.95 6.81
N SER C 160 -25.94 29.25 5.98
CA SER C 160 -27.24 29.66 6.50
C SER C 160 -27.91 28.51 7.27
N HIS C 161 -27.33 27.31 7.26
CA HIS C 161 -27.93 26.13 7.86
C HIS C 161 -27.20 25.70 9.12
N LEU C 162 -26.13 26.38 9.51
CA LEU C 162 -25.18 25.87 10.52
C LEU C 162 -25.84 25.75 11.88
N GLN C 163 -26.78 26.65 12.19
CA GLN C 163 -27.37 26.66 13.53
C GLN C 163 -28.23 25.41 13.72
N HIS C 164 -28.57 24.68 12.64
CA HIS C 164 -29.34 23.44 12.79
C HIS C 164 -28.45 22.19 12.95
N VAL C 165 -27.11 22.33 12.87
CA VAL C 165 -26.21 21.21 13.06
C VAL C 165 -25.15 21.56 14.09
N LYS C 166 -25.56 22.24 15.16
CA LYS C 166 -24.61 22.81 16.12
C LYS C 166 -23.80 21.71 16.82
N TYR C 167 -24.43 20.57 17.09
CA TYR C 167 -23.83 19.52 17.90
C TYR C 167 -23.61 18.25 17.08
N LYS C 168 -22.68 17.41 17.56
CA LYS C 168 -22.35 16.15 16.93
C LYS C 168 -23.59 15.26 16.77
N GLY C 169 -23.76 14.66 15.59
CA GLY C 169 -24.90 13.79 15.32
C GLY C 169 -26.10 14.53 14.74
N GLN C 170 -26.16 15.86 14.85
CA GLN C 170 -27.31 16.57 14.33
C GLN C 170 -27.22 16.64 12.81
N GLU C 171 -28.39 16.82 12.17
CA GLU C 171 -28.54 16.71 10.73
C GLU C 171 -29.64 17.66 10.24
N ALA C 172 -29.51 18.11 8.99
CA ALA C 172 -30.43 19.05 8.39
C ALA C 172 -30.38 18.90 6.86
N PHE C 173 -31.49 19.19 6.16
CA PHE C 173 -31.49 19.11 4.70
C PHE C 173 -31.22 20.48 4.10
N VAL C 174 -30.44 20.49 3.02
CA VAL C 174 -30.18 21.67 2.21
C VAL C 174 -30.77 21.48 0.81
N PRO C 175 -31.55 22.43 0.25
CA PRO C 175 -32.02 22.31 -1.14
C PRO C 175 -30.83 22.34 -2.10
N GLY C 176 -30.92 21.56 -3.19
CA GLY C 176 -29.87 21.53 -4.19
C GLY C 176 -29.49 22.94 -4.65
N PHE C 177 -28.19 23.20 -4.76
CA PHE C 177 -27.69 24.39 -5.44
C PHE C 177 -26.50 24.00 -6.33
N ASN C 178 -25.93 24.98 -7.05
CA ASN C 178 -24.86 24.72 -7.99
C ASN C 178 -23.51 24.73 -7.28
N ILE C 179 -23.03 23.53 -6.95
CA ILE C 179 -21.79 23.31 -6.22
C ILE C 179 -20.61 23.92 -6.98
N GLU C 180 -20.73 24.07 -8.31
CA GLU C 180 -19.68 24.65 -9.12
C GLU C 180 -19.42 26.11 -8.71
N GLU C 181 -20.43 26.79 -8.16
CA GLU C 181 -20.27 28.14 -7.65
C GLU C 181 -19.29 28.18 -6.49
N LEU C 182 -19.05 27.04 -5.82
CA LEU C 182 -18.10 26.99 -4.70
C LEU C 182 -16.65 27.03 -5.18
N LEU C 183 -16.39 26.75 -6.47
CA LEU C 183 -15.04 26.67 -7.00
C LEU C 183 -14.53 28.03 -7.44
N PRO C 184 -13.20 28.20 -7.46
CA PRO C 184 -12.59 29.48 -7.83
C PRO C 184 -12.52 29.78 -9.32
N GLU C 185 -11.86 30.92 -9.59
CA GLU C 185 -11.47 31.36 -10.92
C GLU C 185 -10.46 30.39 -11.51
N ARG C 186 -10.61 30.13 -12.82
CA ARG C 186 -9.57 29.48 -13.59
C ARG C 186 -9.23 28.12 -12.96
N THR C 187 -10.24 27.23 -12.87
CA THR C 187 -10.03 25.90 -12.33
C THR C 187 -8.92 25.15 -13.07
N ALA C 188 -8.63 25.54 -14.32
CA ALA C 188 -7.65 24.85 -15.13
C ALA C 188 -6.29 24.82 -14.43
N GLU C 189 -6.04 25.81 -13.56
CA GLU C 189 -4.75 26.00 -12.90
C GLU C 189 -4.78 25.34 -11.52
N TYR C 190 -3.94 24.34 -11.30
CA TYR C 190 -4.02 23.60 -10.06
C TYR C 190 -2.69 22.92 -9.74
N TYR C 191 -2.62 22.46 -8.48
CA TYR C 191 -1.58 21.57 -7.98
C TYR C 191 -2.13 20.16 -7.87
N ARG C 192 -1.30 19.14 -8.18
CA ARG C 192 -1.71 17.75 -8.16
C ARG C 192 -0.59 16.87 -7.58
N TYR C 193 -0.97 16.01 -6.62
CA TYR C 193 -0.01 15.11 -6.01
C TYR C 193 -0.77 13.94 -5.37
N ARG C 194 -0.04 12.84 -5.11
CA ARG C 194 -0.55 11.65 -4.44
C ARG C 194 -0.39 11.77 -2.93
N GLY C 195 -1.50 11.68 -2.19
CA GLY C 195 -1.48 11.93 -0.76
C GLY C 195 -2.42 11.01 0.03
N SER C 196 -2.99 11.58 1.09
CA SER C 196 -3.81 10.82 2.02
C SER C 196 -5.04 11.60 2.47
N LEU C 197 -5.93 10.90 3.17
CA LEU C 197 -6.88 11.53 4.06
C LEU C 197 -6.11 12.37 5.09
N THR C 198 -6.64 13.56 5.40
CA THR C 198 -6.00 14.43 6.39
C THR C 198 -6.52 14.16 7.80
N THR C 199 -7.49 13.23 7.93
CA THR C 199 -8.00 12.80 9.23
C THR C 199 -7.83 11.28 9.35
N PRO C 200 -7.83 10.75 10.60
CA PRO C 200 -7.84 9.30 10.81
C PRO C 200 -8.93 8.72 9.91
N PRO C 201 -8.75 7.56 9.24
CA PRO C 201 -7.54 6.73 9.35
C PRO C 201 -6.31 7.07 8.51
N CYS C 202 -6.36 8.18 7.75
CA CYS C 202 -5.19 8.72 7.08
C CYS C 202 -4.77 7.80 5.90
N ASN C 203 -5.69 6.99 5.37
CA ASN C 203 -5.38 6.11 4.24
C ASN C 203 -4.65 6.88 3.12
N PRO C 204 -3.53 6.36 2.59
CA PRO C 204 -2.83 7.00 1.47
C PRO C 204 -3.40 6.65 0.09
N THR C 205 -4.67 7.03 -0.13
CA THR C 205 -5.44 6.58 -1.28
C THR C 205 -6.08 7.73 -2.02
N VAL C 206 -5.60 8.96 -1.77
CA VAL C 206 -6.21 10.15 -2.31
C VAL C 206 -5.31 10.71 -3.41
N LEU C 207 -5.95 11.06 -4.53
CA LEU C 207 -5.33 11.92 -5.53
C LEU C 207 -5.82 13.34 -5.28
N TRP C 208 -4.92 14.24 -4.84
CA TRP C 208 -5.24 15.63 -4.53
C TRP C 208 -5.16 16.54 -5.76
N THR C 209 -6.20 17.37 -5.92
CA THR C 209 -6.20 18.55 -6.78
C THR C 209 -6.50 19.78 -5.92
N VAL C 210 -5.50 20.68 -5.77
CA VAL C 210 -5.68 21.94 -5.05
C VAL C 210 -5.65 23.07 -6.07
N PHE C 211 -6.77 23.79 -6.21
CA PHE C 211 -6.87 24.89 -7.16
C PHE C 211 -5.93 26.01 -6.71
N ARG C 212 -5.28 26.64 -7.70
CA ARG C 212 -4.29 27.68 -7.42
C ARG C 212 -4.94 28.92 -6.83
N ASN C 213 -6.15 29.24 -7.31
CA ASN C 213 -6.83 30.49 -7.02
C ASN C 213 -7.81 30.34 -5.85
N PRO C 214 -7.79 31.24 -4.84
CA PRO C 214 -8.72 31.15 -3.73
C PRO C 214 -10.09 31.73 -4.05
N VAL C 215 -11.06 31.40 -3.19
CA VAL C 215 -12.37 32.03 -3.21
C VAL C 215 -12.41 32.97 -2.00
N GLN C 216 -13.41 33.87 -1.98
CA GLN C 216 -13.59 34.81 -0.87
C GLN C 216 -14.91 34.57 -0.16
N ILE C 217 -14.87 34.75 1.18
CA ILE C 217 -16.07 34.84 1.99
C ILE C 217 -15.88 36.07 2.89
N SER C 218 -16.99 36.63 3.41
CA SER C 218 -16.90 37.81 4.26
C SER C 218 -16.32 37.48 5.63
N GLN C 219 -15.77 38.54 6.28
CA GLN C 219 -15.41 38.56 7.69
C GLN C 219 -16.49 37.86 8.52
N GLU C 220 -17.74 38.23 8.23
CA GLU C 220 -18.91 37.83 9.00
C GLU C 220 -19.18 36.34 8.77
N GLN C 221 -19.07 35.90 7.51
CA GLN C 221 -19.31 34.52 7.16
C GLN C 221 -18.26 33.63 7.84
N LEU C 222 -16.99 34.05 7.86
CA LEU C 222 -15.94 33.21 8.44
C LEU C 222 -16.11 33.09 9.96
N LEU C 223 -16.41 34.24 10.61
CA LEU C 223 -16.67 34.22 12.04
C LEU C 223 -17.86 33.31 12.36
N ALA C 224 -18.89 33.33 11.52
CA ALA C 224 -20.04 32.44 11.71
C ALA C 224 -19.61 30.98 11.72
N LEU C 225 -18.78 30.59 10.74
CA LEU C 225 -18.33 29.20 10.62
C LEU C 225 -17.47 28.81 11.81
N GLU C 226 -16.66 29.76 12.32
CA GLU C 226 -15.73 29.45 13.39
C GLU C 226 -16.46 29.32 14.74
N THR C 227 -17.71 29.78 14.84
CA THR C 227 -18.35 29.92 16.14
C THR C 227 -19.62 29.08 16.26
N ALA C 228 -20.06 28.46 15.14
CA ALA C 228 -21.39 27.89 15.06
C ALA C 228 -21.44 26.51 15.72
N LEU C 229 -20.33 25.76 15.72
CA LEU C 229 -20.39 24.30 15.87
C LEU C 229 -19.61 23.82 17.08
N TYR C 230 -20.03 22.64 17.56
CA TYR C 230 -19.39 21.91 18.65
C TYR C 230 -19.03 20.49 18.22
N CYS C 231 -17.95 19.95 18.81
CA CYS C 231 -17.49 18.61 18.48
C CYS C 231 -18.26 17.54 19.25
N THR C 232 -19.08 17.96 20.23
CA THR C 232 -19.67 17.08 21.22
C THR C 232 -21.17 16.97 20.99
N HIS C 233 -21.77 15.89 21.51
CA HIS C 233 -23.20 15.62 21.40
C HIS C 233 -24.01 16.60 22.25
N MET C 234 -25.33 16.63 22.01
CA MET C 234 -26.30 17.50 22.65
C MET C 234 -26.21 17.50 24.17
N ASP C 235 -25.47 16.56 24.79
CA ASP C 235 -25.21 16.69 26.21
C ASP C 235 -24.04 15.82 26.63
N ASP C 236 -22.88 16.10 26.04
CA ASP C 236 -21.61 15.79 26.66
C ASP C 236 -21.46 16.72 27.87
N PRO C 237 -20.97 16.24 29.05
CA PRO C 237 -20.76 17.13 30.19
C PRO C 237 -19.75 18.22 29.87
N SER C 238 -18.74 17.86 29.06
CA SER C 238 -17.66 18.75 28.68
C SER C 238 -17.81 19.13 27.21
N PRO C 239 -18.68 20.12 26.86
CA PRO C 239 -18.79 20.58 25.48
C PRO C 239 -17.45 21.09 24.97
N ARG C 240 -17.18 20.88 23.68
CA ARG C 240 -15.97 21.38 23.04
C ARG C 240 -16.34 22.05 21.73
N GLU C 241 -15.88 23.30 21.57
CA GLU C 241 -16.12 24.07 20.36
C GLU C 241 -15.36 23.46 19.19
N MET C 242 -15.95 23.56 18.00
CA MET C 242 -15.30 23.08 16.80
C MET C 242 -14.54 24.22 16.13
N ILE C 243 -13.25 24.27 16.47
CA ILE C 243 -12.26 25.23 16.02
C ILE C 243 -10.93 24.49 15.79
N ASN C 244 -10.10 25.07 14.93
CA ASN C 244 -8.76 24.58 14.64
C ASN C 244 -8.81 23.13 14.13
N ASN C 245 -9.80 22.83 13.26
CA ASN C 245 -10.04 21.48 12.78
C ASN C 245 -9.27 21.22 11.49
N PHE C 246 -7.97 21.44 11.54
CA PHE C 246 -7.07 21.26 10.41
C PHE C 246 -5.83 20.54 10.93
N ARG C 247 -5.20 19.75 10.05
CA ARG C 247 -3.95 19.08 10.38
C ARG C 247 -2.78 19.99 9.97
N GLN C 248 -1.72 19.99 10.79
CA GLN C 248 -0.43 20.59 10.43
C GLN C 248 0.10 19.95 9.15
N VAL C 249 0.86 20.73 8.37
CA VAL C 249 1.48 20.26 7.15
C VAL C 249 2.53 19.19 7.49
N GLN C 250 2.68 18.23 6.57
CA GLN C 250 3.51 17.03 6.74
C GLN C 250 4.82 17.19 5.98
N LYS C 251 5.85 16.42 6.40
CA LYS C 251 7.07 16.27 5.63
C LYS C 251 6.77 15.76 4.21
N PHE C 252 7.54 16.24 3.23
CA PHE C 252 7.35 15.96 1.83
C PHE C 252 8.73 15.98 1.17
N ASP C 253 9.37 14.83 1.18
CA ASP C 253 10.80 14.71 0.92
C ASP C 253 11.01 13.80 -0.29
N GLU C 254 11.88 14.24 -1.21
CA GLU C 254 12.22 13.51 -2.42
C GLU C 254 10.95 13.02 -3.13
N ARG C 255 10.01 13.94 -3.32
CA ARG C 255 8.72 13.65 -3.92
C ARG C 255 8.25 14.93 -4.62
N LEU C 256 7.18 14.85 -5.44
CA LEU C 256 6.88 15.94 -6.34
C LEU C 256 5.38 16.28 -6.37
N VAL C 257 5.13 17.60 -6.43
CA VAL C 257 3.81 18.14 -6.69
C VAL C 257 3.84 18.71 -8.11
N TYR C 258 2.88 18.29 -8.93
CA TYR C 258 2.82 18.64 -10.34
C TYR C 258 1.80 19.78 -10.53
N THR C 259 2.21 20.81 -11.28
CA THR C 259 1.36 21.97 -11.54
C THR C 259 0.88 21.94 -12.99
N SER C 260 -0.34 22.44 -13.20
CA SER C 260 -0.89 22.60 -14.53
C SER C 260 -0.63 24.01 -15.07
N PHE C 261 0.19 24.80 -14.35
CA PHE C 261 0.60 26.13 -14.77
C PHE C 261 2.13 26.28 -14.63
N SER C 262 2.67 27.19 -15.46
CA SER C 262 4.04 27.64 -15.32
C SER C 262 4.04 29.14 -15.02
N LYS D 3 -19.71 -35.52 -2.42
CA LYS D 3 -19.83 -34.08 -2.07
C LYS D 3 -18.51 -33.36 -2.37
N TRP D 4 -18.63 -32.24 -3.10
CA TRP D 4 -17.50 -31.40 -3.45
C TRP D 4 -17.92 -29.93 -3.45
N THR D 5 -16.94 -29.07 -3.16
CA THR D 5 -17.12 -27.63 -3.03
C THR D 5 -15.93 -26.87 -3.65
N TYR D 6 -16.00 -25.54 -3.63
CA TYR D 6 -14.91 -24.67 -4.06
C TYR D 6 -14.22 -23.99 -2.88
N PHE D 7 -14.55 -24.35 -1.64
CA PHE D 7 -13.94 -23.74 -0.47
C PHE D 7 -13.83 -24.74 0.67
N GLY D 8 -12.67 -24.75 1.34
CA GLY D 8 -12.47 -25.53 2.55
C GLY D 8 -12.05 -26.97 2.26
N PRO D 9 -12.43 -27.94 3.12
CA PRO D 9 -11.79 -29.26 3.11
C PRO D 9 -12.28 -30.18 1.99
N ASP D 10 -13.43 -29.87 1.39
CA ASP D 10 -13.91 -30.64 0.25
C ASP D 10 -13.64 -29.88 -1.05
N GLY D 11 -12.74 -28.90 -0.98
CA GLY D 11 -12.41 -28.01 -2.09
C GLY D 11 -11.44 -28.65 -3.09
N GLU D 12 -10.97 -27.85 -4.05
CA GLU D 12 -10.48 -28.41 -5.30
C GLU D 12 -9.21 -29.26 -5.13
N ASN D 13 -8.38 -29.04 -4.11
CA ASN D 13 -7.17 -29.85 -3.91
C ASN D 13 -7.50 -31.26 -3.40
N SER D 14 -8.76 -31.50 -3.01
CA SER D 14 -9.24 -32.76 -2.45
C SER D 14 -10.18 -33.49 -3.42
N TRP D 15 -10.53 -32.85 -4.55
CA TRP D 15 -11.40 -33.47 -5.56
C TRP D 15 -10.88 -34.86 -5.95
N SER D 16 -9.55 -34.99 -6.10
CA SER D 16 -8.94 -36.21 -6.63
C SER D 16 -9.21 -37.42 -5.73
N LYS D 17 -9.64 -37.18 -4.48
CA LYS D 17 -9.73 -38.28 -3.52
C LYS D 17 -10.86 -39.22 -3.95
N LYS D 18 -11.98 -38.67 -4.45
CA LYS D 18 -13.15 -39.45 -4.83
C LYS D 18 -13.45 -39.34 -6.33
N TYR D 19 -12.77 -38.40 -7.00
CA TYR D 19 -12.92 -38.22 -8.43
C TYR D 19 -11.54 -38.25 -9.07
N PRO D 20 -10.98 -39.46 -9.31
CA PRO D 20 -9.57 -39.59 -9.67
C PRO D 20 -9.11 -38.72 -10.84
N SER D 21 -10.02 -38.47 -11.80
CA SER D 21 -9.66 -37.80 -13.03
C SER D 21 -9.29 -36.34 -12.74
N CYS D 22 -9.69 -35.81 -11.57
CA CYS D 22 -9.38 -34.42 -11.24
C CYS D 22 -7.87 -34.29 -10.98
N GLY D 23 -7.20 -35.41 -10.65
CA GLY D 23 -5.75 -35.48 -10.51
C GLY D 23 -5.04 -36.07 -11.75
N GLY D 24 -5.73 -36.06 -12.88
CA GLY D 24 -5.32 -36.78 -14.09
C GLY D 24 -4.83 -35.88 -15.22
N LEU D 25 -4.88 -36.43 -16.45
CA LEU D 25 -4.41 -35.84 -17.70
C LEU D 25 -5.41 -34.81 -18.24
N LEU D 26 -4.92 -33.84 -19.02
CA LEU D 26 -5.74 -32.95 -19.84
C LEU D 26 -6.68 -32.07 -19.01
N GLN D 27 -6.29 -31.66 -17.79
CA GLN D 27 -7.18 -30.87 -16.94
C GLN D 27 -7.33 -29.42 -17.43
N SER D 28 -8.51 -28.86 -17.16
CA SER D 28 -8.91 -27.49 -17.48
C SER D 28 -9.33 -26.77 -16.19
N PRO D 29 -9.36 -25.41 -16.08
CA PRO D 29 -9.00 -24.45 -17.12
C PRO D 29 -7.50 -24.18 -17.09
N ILE D 30 -7.05 -23.30 -17.99
CA ILE D 30 -5.63 -22.99 -18.17
C ILE D 30 -5.45 -21.49 -18.43
N ASP D 31 -4.24 -21.01 -18.21
CA ASP D 31 -3.88 -19.65 -18.61
C ASP D 31 -3.43 -19.66 -20.08
N LEU D 32 -4.07 -18.83 -20.89
CA LEU D 32 -3.76 -18.70 -22.30
C LEU D 32 -2.75 -17.58 -22.47
N HIS D 33 -1.49 -17.95 -22.73
CA HIS D 33 -0.39 -17.00 -22.83
C HIS D 33 0.52 -17.40 -23.99
N SER D 34 1.33 -16.44 -24.46
CA SER D 34 2.00 -16.55 -25.76
C SER D 34 2.83 -17.82 -25.88
N ASP D 35 3.42 -18.31 -24.78
CA ASP D 35 4.42 -19.37 -24.83
C ASP D 35 3.80 -20.70 -25.26
N ILE D 36 2.49 -20.87 -25.09
CA ILE D 36 1.85 -22.15 -25.37
C ILE D 36 0.78 -22.03 -26.45
N LEU D 37 0.74 -20.88 -27.17
CA LEU D 37 -0.17 -20.69 -28.29
C LEU D 37 0.53 -21.02 -29.62
N GLN D 38 -0.27 -21.51 -30.59
CA GLN D 38 0.20 -21.71 -31.95
C GLN D 38 -0.98 -21.47 -32.90
N TYR D 39 -0.79 -20.54 -33.85
CA TYR D 39 -1.73 -20.34 -34.94
C TYR D 39 -1.91 -21.63 -35.75
N ASP D 40 -3.18 -21.90 -36.12
CA ASP D 40 -3.52 -23.06 -36.93
C ASP D 40 -4.53 -22.62 -37.97
N ALA D 41 -4.05 -22.47 -39.22
CA ALA D 41 -4.82 -21.88 -40.31
C ALA D 41 -5.97 -22.78 -40.75
N SER D 42 -5.98 -24.04 -40.32
CA SER D 42 -7.03 -24.96 -40.74
C SER D 42 -8.26 -24.88 -39.82
N LEU D 43 -8.18 -24.12 -38.71
CA LEU D 43 -9.32 -24.01 -37.82
C LEU D 43 -10.39 -23.19 -38.55
N THR D 44 -11.62 -23.71 -38.59
CA THR D 44 -12.68 -23.02 -39.29
C THR D 44 -13.70 -22.45 -38.29
N PRO D 45 -14.45 -21.40 -38.69
CA PRO D 45 -15.50 -20.85 -37.85
C PRO D 45 -16.61 -21.86 -37.53
N LEU D 46 -17.13 -21.79 -36.31
CA LEU D 46 -18.35 -22.52 -35.97
C LEU D 46 -19.55 -21.82 -36.61
N GLU D 47 -20.52 -22.63 -37.01
CA GLU D 47 -21.86 -22.17 -37.31
C GLU D 47 -22.78 -22.64 -36.18
N PHE D 48 -23.73 -21.78 -35.79
CA PHE D 48 -24.59 -22.03 -34.64
C PHE D 48 -26.00 -22.29 -35.15
N GLN D 49 -26.53 -23.49 -34.88
CA GLN D 49 -27.77 -23.92 -35.51
C GLN D 49 -28.81 -24.20 -34.43
N GLY D 50 -30.03 -23.67 -34.66
CA GLY D 50 -31.13 -23.77 -33.71
C GLY D 50 -30.85 -23.08 -32.38
N TYR D 51 -30.01 -22.03 -32.37
CA TYR D 51 -29.69 -21.29 -31.15
C TYR D 51 -30.81 -20.28 -30.82
N ASN D 52 -31.66 -19.98 -31.81
CA ASN D 52 -32.78 -19.07 -31.61
C ASN D 52 -33.98 -19.89 -31.16
N LEU D 53 -34.03 -20.11 -29.83
CA LEU D 53 -34.97 -21.01 -29.17
C LEU D 53 -36.36 -20.39 -29.24
N SER D 54 -37.39 -21.23 -29.47
CA SER D 54 -38.77 -20.76 -29.60
C SER D 54 -39.23 -20.12 -28.29
N ALA D 55 -39.84 -18.94 -28.42
CA ALA D 55 -40.37 -18.20 -27.28
C ALA D 55 -41.59 -18.91 -26.68
N ASN D 56 -42.18 -19.85 -27.45
CA ASN D 56 -43.34 -20.62 -27.04
C ASN D 56 -42.99 -21.89 -26.26
N LYS D 57 -41.70 -22.23 -26.22
CA LYS D 57 -41.21 -23.36 -25.43
C LYS D 57 -40.54 -22.87 -24.15
N GLN D 58 -40.37 -23.78 -23.19
CA GLN D 58 -39.79 -23.47 -21.90
C GLN D 58 -38.51 -24.25 -21.67
N PHE D 59 -37.59 -23.64 -20.91
CA PHE D 59 -36.28 -24.24 -20.64
C PHE D 59 -36.00 -24.15 -19.14
N LEU D 60 -35.63 -25.30 -18.56
CA LEU D 60 -35.51 -25.42 -17.11
C LEU D 60 -34.21 -24.77 -16.62
N LEU D 61 -34.37 -23.80 -15.69
CA LEU D 61 -33.26 -23.20 -14.97
C LEU D 61 -33.14 -23.86 -13.60
N THR D 62 -31.93 -24.27 -13.21
CA THR D 62 -31.74 -24.99 -11.96
C THR D 62 -30.52 -24.45 -11.21
N ASN D 63 -30.67 -24.27 -9.90
CA ASN D 63 -29.53 -24.15 -9.00
C ASN D 63 -29.09 -25.55 -8.60
N ASN D 64 -27.88 -25.97 -9.00
CA ASN D 64 -27.45 -27.34 -8.74
C ASN D 64 -26.46 -27.38 -7.58
N GLY D 65 -26.32 -26.25 -6.87
CA GLY D 65 -25.45 -26.20 -5.70
C GLY D 65 -24.03 -25.79 -6.05
N HIS D 66 -23.70 -25.80 -7.35
CA HIS D 66 -22.36 -25.43 -7.81
C HIS D 66 -22.40 -24.24 -8.77
N SER D 67 -23.56 -24.00 -9.42
CA SER D 67 -23.72 -22.98 -10.45
C SER D 67 -25.21 -22.75 -10.68
N VAL D 68 -25.56 -21.82 -11.56
CA VAL D 68 -26.90 -21.82 -12.14
C VAL D 68 -26.82 -22.38 -13.56
N LYS D 69 -27.70 -23.35 -13.86
CA LYS D 69 -27.74 -24.12 -15.11
C LYS D 69 -29.05 -23.86 -15.84
N LEU D 70 -28.96 -23.65 -17.17
CA LEU D 70 -30.12 -23.66 -18.05
C LEU D 70 -30.04 -24.87 -18.98
N ASN D 71 -31.07 -25.73 -18.95
CA ASN D 71 -31.14 -26.90 -19.82
C ASN D 71 -31.34 -26.45 -21.27
N LEU D 72 -30.69 -27.18 -22.19
CA LEU D 72 -30.74 -26.83 -23.60
C LEU D 72 -31.21 -28.04 -24.40
N PRO D 73 -31.92 -27.80 -25.53
CA PRO D 73 -32.37 -28.87 -26.42
C PRO D 73 -31.28 -29.38 -27.37
N SER D 74 -31.35 -30.66 -27.72
CA SER D 74 -30.38 -31.29 -28.60
C SER D 74 -30.57 -30.88 -30.06
N ASP D 75 -31.66 -30.17 -30.38
CA ASP D 75 -31.86 -29.66 -31.74
C ASP D 75 -31.09 -28.35 -31.92
N MET D 76 -30.42 -27.92 -30.85
CA MET D 76 -29.37 -26.91 -30.88
C MET D 76 -28.04 -27.61 -31.13
N HIS D 77 -27.28 -27.20 -32.15
CA HIS D 77 -26.00 -27.84 -32.43
C HIS D 77 -24.99 -26.85 -33.00
N ILE D 78 -23.72 -27.29 -32.93
CA ILE D 78 -22.59 -26.66 -33.59
C ILE D 78 -22.16 -27.49 -34.80
N GLN D 79 -21.88 -26.78 -35.91
CA GLN D 79 -21.18 -27.32 -37.08
C GLN D 79 -19.79 -26.71 -37.11
N GLY D 80 -18.83 -27.41 -37.73
CA GLY D 80 -17.47 -26.89 -37.85
C GLY D 80 -16.45 -27.73 -37.07
N LEU D 81 -16.95 -28.71 -36.33
CA LEU D 81 -16.06 -29.73 -35.78
C LEU D 81 -16.23 -31.01 -36.61
N GLN D 82 -15.29 -31.91 -36.37
CA GLN D 82 -15.18 -33.24 -36.90
C GLN D 82 -16.51 -34.00 -36.84
N SER D 83 -17.25 -33.82 -35.73
CA SER D 83 -18.58 -34.41 -35.55
C SER D 83 -19.55 -33.29 -35.24
N ARG D 84 -20.85 -33.57 -35.44
CA ARG D 84 -21.91 -32.70 -34.95
C ARG D 84 -21.99 -32.85 -33.44
N TYR D 85 -21.98 -31.71 -32.75
CA TYR D 85 -22.17 -31.67 -31.31
C TYR D 85 -23.51 -30.99 -31.04
N SER D 86 -24.30 -31.58 -30.12
CA SER D 86 -25.62 -31.05 -29.80
C SER D 86 -25.67 -30.62 -28.34
N ALA D 87 -26.50 -29.60 -28.04
CA ALA D 87 -26.47 -28.87 -26.77
C ALA D 87 -27.14 -29.69 -25.68
N THR D 88 -26.71 -29.44 -24.42
CA THR D 88 -27.29 -30.05 -23.24
C THR D 88 -27.50 -28.99 -22.14
N GLN D 89 -26.58 -28.02 -21.95
CA GLN D 89 -26.79 -27.01 -20.91
C GLN D 89 -25.82 -25.85 -21.05
N LEU D 90 -26.17 -24.72 -20.43
CA LEU D 90 -25.19 -23.67 -20.20
C LEU D 90 -25.20 -23.31 -18.72
N HIS D 91 -24.12 -22.69 -18.26
CA HIS D 91 -23.99 -22.29 -16.88
C HIS D 91 -22.84 -21.29 -16.75
N LEU D 92 -22.64 -20.75 -15.55
CA LEU D 92 -21.71 -19.64 -15.35
C LEU D 92 -20.76 -19.86 -14.16
N HIS D 93 -19.68 -19.08 -14.18
CA HIS D 93 -18.69 -19.05 -13.12
C HIS D 93 -18.37 -17.60 -12.80
N TRP D 94 -18.18 -17.30 -11.50
CA TRP D 94 -17.98 -15.93 -11.04
C TRP D 94 -17.21 -15.89 -9.71
N GLY D 95 -16.82 -14.66 -9.35
CA GLY D 95 -16.02 -14.37 -8.18
C GLY D 95 -16.88 -13.91 -7.01
N ASN D 96 -16.54 -12.75 -6.45
CA ASN D 96 -17.23 -12.24 -5.27
C ASN D 96 -17.18 -10.71 -5.29
N PRO D 97 -18.07 -10.03 -4.52
CA PRO D 97 -18.15 -8.56 -4.56
C PRO D 97 -16.86 -7.79 -4.24
N ASN D 98 -16.01 -8.31 -3.35
CA ASN D 98 -14.76 -7.64 -3.01
C ASN D 98 -13.69 -7.83 -4.10
N ASP D 99 -13.85 -8.88 -4.91
CA ASP D 99 -12.83 -9.30 -5.86
C ASP D 99 -13.56 -9.89 -7.07
N PRO D 100 -14.15 -9.03 -7.91
CA PRO D 100 -15.04 -9.45 -9.01
C PRO D 100 -14.30 -9.95 -10.26
N HIS D 101 -13.49 -11.00 -10.06
CA HIS D 101 -12.68 -11.66 -11.07
C HIS D 101 -12.78 -13.17 -10.89
N GLY D 102 -13.78 -13.77 -11.54
CA GLY D 102 -14.02 -15.19 -11.35
C GLY D 102 -14.20 -16.01 -12.62
N SER D 103 -13.60 -15.59 -13.75
CA SER D 103 -13.52 -16.48 -14.90
C SER D 103 -12.63 -17.68 -14.55
N GLU D 104 -12.79 -18.74 -15.33
CA GLU D 104 -12.02 -19.95 -15.16
C GLU D 104 -10.74 -19.83 -15.98
N HIS D 105 -10.90 -19.61 -17.28
CA HIS D 105 -9.73 -19.35 -18.11
C HIS D 105 -9.22 -17.95 -17.83
N THR D 106 -7.88 -17.78 -17.93
CA THR D 106 -7.25 -16.47 -17.92
C THR D 106 -6.51 -16.21 -19.24
N VAL D 107 -6.24 -14.92 -19.52
CA VAL D 107 -5.55 -14.49 -20.74
C VAL D 107 -4.36 -13.64 -20.31
N SER D 108 -3.14 -14.18 -20.52
CA SER D 108 -1.91 -13.51 -20.11
C SER D 108 -1.98 -13.14 -18.64
N GLY D 109 -2.51 -14.07 -17.83
CA GLY D 109 -2.58 -13.93 -16.38
C GLY D 109 -3.81 -13.15 -15.89
N GLN D 110 -4.61 -12.58 -16.81
CA GLN D 110 -5.75 -11.75 -16.40
C GLN D 110 -7.02 -12.60 -16.22
N HIS D 111 -7.61 -12.57 -15.01
CA HIS D 111 -8.95 -13.06 -14.77
C HIS D 111 -9.97 -12.04 -15.27
N PHE D 112 -10.98 -12.51 -16.02
CA PHE D 112 -12.13 -11.69 -16.33
C PHE D 112 -13.16 -11.81 -15.19
N ALA D 113 -14.22 -10.99 -15.26
CA ALA D 113 -15.25 -10.94 -14.21
C ALA D 113 -15.92 -12.30 -14.01
N ALA D 114 -16.25 -12.97 -15.13
CA ALA D 114 -17.02 -14.20 -15.08
C ALA D 114 -16.80 -14.97 -16.38
N GLU D 115 -17.41 -16.16 -16.50
CA GLU D 115 -17.29 -17.00 -17.70
C GLU D 115 -18.58 -17.78 -17.92
N LEU D 116 -19.05 -17.83 -19.18
CA LEU D 116 -20.20 -18.61 -19.61
C LEU D 116 -19.69 -19.85 -20.35
N HIS D 117 -20.30 -20.99 -20.05
CA HIS D 117 -20.01 -22.26 -20.69
C HIS D 117 -21.27 -22.80 -21.34
N ILE D 118 -21.21 -23.04 -22.64
CA ILE D 118 -22.29 -23.74 -23.35
C ILE D 118 -21.82 -25.15 -23.72
N VAL D 119 -22.45 -26.15 -23.09
CA VAL D 119 -21.98 -27.53 -23.08
C VAL D 119 -22.72 -28.28 -24.18
N HIS D 120 -21.98 -29.01 -25.02
CA HIS D 120 -22.53 -29.86 -26.08
C HIS D 120 -21.93 -31.27 -26.02
N TYR D 121 -22.67 -32.26 -26.56
CA TYR D 121 -22.23 -33.63 -26.57
C TYR D 121 -22.18 -34.15 -28.02
N ASN D 122 -21.40 -35.22 -28.24
CA ASN D 122 -21.16 -35.71 -29.61
C ASN D 122 -22.33 -36.61 -30.00
N SER D 123 -23.28 -36.02 -30.74
CA SER D 123 -24.52 -36.67 -31.14
C SER D 123 -24.35 -37.59 -32.36
N ASP D 124 -23.22 -37.50 -33.08
CA ASP D 124 -22.92 -38.43 -34.15
C ASP D 124 -22.53 -39.78 -33.54
N LEU D 125 -21.73 -39.75 -32.48
CA LEU D 125 -21.15 -40.95 -31.87
C LEU D 125 -22.00 -41.49 -30.73
N TYR D 126 -22.75 -40.64 -30.04
CA TYR D 126 -23.38 -41.05 -28.79
C TYR D 126 -24.85 -40.63 -28.75
N PRO D 127 -25.72 -41.42 -28.10
CA PRO D 127 -27.17 -41.15 -28.07
C PRO D 127 -27.64 -40.00 -27.16
N ASP D 128 -26.81 -39.63 -26.16
CA ASP D 128 -27.18 -38.63 -25.18
C ASP D 128 -25.94 -38.13 -24.43
N ALA D 129 -26.14 -37.02 -23.70
CA ALA D 129 -25.02 -36.33 -23.07
C ALA D 129 -24.38 -37.21 -22.01
N SER D 130 -25.20 -38.02 -21.31
CA SER D 130 -24.76 -38.87 -20.21
C SER D 130 -23.78 -39.94 -20.69
N THR D 131 -24.18 -40.68 -21.74
CA THR D 131 -23.29 -41.62 -22.41
C THR D 131 -22.02 -40.93 -22.87
N ALA D 132 -22.16 -39.74 -23.47
CA ALA D 132 -21.02 -39.05 -24.06
C ALA D 132 -20.01 -38.56 -23.01
N SER D 133 -20.50 -38.27 -21.80
CA SER D 133 -19.77 -37.41 -20.88
CA SER D 133 -19.78 -37.43 -20.86
C SER D 133 -18.37 -37.96 -20.59
N ASN D 134 -18.24 -39.29 -20.51
CA ASN D 134 -16.99 -39.92 -20.12
C ASN D 134 -16.47 -40.83 -21.24
N LYS D 135 -16.68 -40.46 -22.50
CA LYS D 135 -16.17 -41.25 -23.61
C LYS D 135 -15.33 -40.38 -24.54
N SER D 136 -14.41 -41.04 -25.28
CA SER D 136 -13.56 -40.38 -26.26
C SER D 136 -14.40 -39.48 -27.17
N GLU D 137 -13.94 -38.22 -27.38
CA GLU D 137 -14.59 -37.28 -28.27
C GLU D 137 -16.00 -36.93 -27.80
N GLY D 138 -16.22 -36.97 -26.47
CA GLY D 138 -17.57 -36.92 -25.92
C GLY D 138 -18.21 -35.52 -25.95
N LEU D 139 -17.44 -34.49 -25.56
CA LEU D 139 -17.99 -33.18 -25.27
C LEU D 139 -17.23 -32.05 -25.97
N ALA D 140 -18.00 -31.00 -26.31
CA ALA D 140 -17.46 -29.73 -26.77
C ALA D 140 -18.09 -28.60 -25.96
N VAL D 141 -17.27 -27.70 -25.39
CA VAL D 141 -17.76 -26.58 -24.60
C VAL D 141 -17.29 -25.28 -25.23
N LEU D 142 -18.24 -24.35 -25.48
CA LEU D 142 -17.92 -22.96 -25.78
C LEU D 142 -17.79 -22.16 -24.48
N ALA D 143 -16.73 -21.35 -24.39
CA ALA D 143 -16.50 -20.45 -23.26
C ALA D 143 -16.54 -19.00 -23.75
N VAL D 144 -17.37 -18.16 -23.10
CA VAL D 144 -17.38 -16.73 -23.33
C VAL D 144 -16.86 -16.04 -22.06
N LEU D 145 -15.81 -15.22 -22.23
CA LEU D 145 -15.29 -14.36 -21.18
C LEU D 145 -16.20 -13.13 -20.99
N ILE D 146 -16.43 -12.77 -19.72
CA ILE D 146 -17.34 -11.68 -19.36
C ILE D 146 -16.59 -10.60 -18.58
N GLU D 147 -16.81 -9.34 -18.99
CA GLU D 147 -16.22 -8.21 -18.30
C GLU D 147 -17.30 -7.16 -17.98
N MET D 148 -16.96 -6.32 -17.00
CA MET D 148 -17.77 -5.19 -16.59
C MET D 148 -17.77 -4.12 -17.68
N GLY D 149 -18.97 -3.67 -18.05
CA GLY D 149 -19.13 -2.61 -19.04
C GLY D 149 -20.58 -2.15 -19.08
N SER D 150 -21.17 -2.12 -20.28
CA SER D 150 -22.54 -1.64 -20.40
C SER D 150 -23.54 -2.76 -20.09
N PHE D 151 -24.72 -2.34 -19.66
CA PHE D 151 -25.82 -3.25 -19.39
C PHE D 151 -26.07 -4.12 -20.61
N ASN D 152 -26.40 -5.40 -20.37
CA ASN D 152 -26.54 -6.38 -21.43
C ASN D 152 -27.92 -7.03 -21.32
N PRO D 153 -28.92 -6.60 -22.13
CA PRO D 153 -30.29 -7.08 -21.98
C PRO D 153 -30.49 -8.56 -22.31
N SER D 154 -29.52 -9.14 -23.03
CA SER D 154 -29.56 -10.53 -23.44
C SER D 154 -29.21 -11.45 -22.28
N TYR D 155 -28.16 -11.10 -21.51
CA TYR D 155 -27.79 -11.86 -20.32
C TYR D 155 -28.86 -11.72 -19.23
N ASP D 156 -29.59 -10.61 -19.24
CA ASP D 156 -30.64 -10.38 -18.24
C ASP D 156 -31.82 -11.31 -18.47
N LYS D 157 -31.85 -12.03 -19.62
CA LYS D 157 -32.88 -13.01 -19.88
C LYS D 157 -32.66 -14.24 -19.00
N ILE D 158 -31.42 -14.35 -18.50
CA ILE D 158 -31.06 -15.29 -17.46
C ILE D 158 -31.19 -14.62 -16.09
N PHE D 159 -30.49 -13.48 -15.90
CA PHE D 159 -30.31 -12.92 -14.56
C PHE D 159 -31.64 -12.52 -13.91
N SER D 160 -32.65 -12.18 -14.72
CA SER D 160 -33.91 -11.73 -14.17
C SER D 160 -34.71 -12.86 -13.51
N HIS D 161 -34.25 -14.11 -13.62
CA HIS D 161 -34.94 -15.22 -12.96
C HIS D 161 -34.17 -15.74 -11.74
N LEU D 162 -33.09 -15.08 -11.32
CA LEU D 162 -32.20 -15.65 -10.31
C LEU D 162 -32.89 -15.73 -8.94
N GLN D 163 -33.81 -14.81 -8.65
CA GLN D 163 -34.42 -14.76 -7.33
C GLN D 163 -35.38 -15.93 -7.14
N HIS D 164 -35.65 -16.70 -8.22
CA HIS D 164 -36.50 -17.88 -8.14
C HIS D 164 -35.71 -19.19 -7.98
N VAL D 165 -34.37 -19.12 -8.01
CA VAL D 165 -33.54 -20.32 -7.85
C VAL D 165 -32.44 -20.06 -6.83
N LYS D 166 -32.77 -19.40 -5.72
CA LYS D 166 -31.76 -18.93 -4.77
C LYS D 166 -31.03 -20.10 -4.08
N TYR D 167 -31.72 -21.24 -3.88
CA TYR D 167 -31.18 -22.35 -3.10
C TYR D 167 -31.06 -23.62 -3.95
N LYS D 168 -30.18 -24.53 -3.50
CA LYS D 168 -29.90 -25.77 -4.19
C LYS D 168 -31.18 -26.56 -4.39
N GLY D 169 -31.38 -27.06 -5.62
CA GLY D 169 -32.54 -27.89 -5.93
C GLY D 169 -33.71 -27.10 -6.51
N GLN D 170 -33.72 -25.77 -6.30
CA GLN D 170 -34.82 -24.95 -6.78
C GLN D 170 -34.71 -24.73 -8.29
N GLU D 171 -35.88 -24.66 -8.93
CA GLU D 171 -36.00 -24.72 -10.37
C GLU D 171 -37.01 -23.69 -10.85
N ALA D 172 -36.80 -23.21 -12.07
CA ALA D 172 -37.71 -22.29 -12.71
C ALA D 172 -37.65 -22.50 -14.23
N PHE D 173 -38.76 -22.26 -14.92
CA PHE D 173 -38.75 -22.34 -16.37
C PHE D 173 -38.49 -20.96 -16.95
N VAL D 174 -37.73 -20.93 -18.04
CA VAL D 174 -37.37 -19.73 -18.78
C VAL D 174 -37.91 -19.90 -20.20
N PRO D 175 -38.61 -18.90 -20.79
CA PRO D 175 -39.04 -19.02 -22.18
C PRO D 175 -37.82 -18.93 -23.11
N GLY D 176 -37.91 -19.57 -24.28
CA GLY D 176 -36.85 -19.49 -25.28
C GLY D 176 -36.43 -18.06 -25.62
N PHE D 177 -35.10 -17.84 -25.66
CA PHE D 177 -34.55 -16.68 -26.34
C PHE D 177 -33.42 -17.16 -27.24
N ASN D 178 -32.86 -16.23 -28.01
CA ASN D 178 -31.76 -16.50 -28.92
C ASN D 178 -30.44 -16.56 -28.14
N ILE D 179 -29.90 -17.76 -27.99
CA ILE D 179 -28.66 -17.97 -27.24
C ILE D 179 -27.47 -17.29 -27.91
N GLU D 180 -27.54 -17.13 -29.23
CA GLU D 180 -26.44 -16.52 -29.98
C GLU D 180 -26.21 -15.08 -29.51
N GLU D 181 -27.21 -14.46 -28.86
CA GLU D 181 -27.08 -13.13 -28.29
C GLU D 181 -26.07 -13.09 -27.15
N LEU D 182 -25.80 -14.24 -26.53
CA LEU D 182 -24.84 -14.35 -25.44
C LEU D 182 -23.39 -14.44 -25.94
N LEU D 183 -23.20 -14.61 -27.26
CA LEU D 183 -21.88 -14.81 -27.83
C LEU D 183 -21.28 -13.46 -28.19
N PRO D 184 -19.93 -13.31 -28.17
CA PRO D 184 -19.30 -12.02 -28.47
C PRO D 184 -19.15 -11.76 -29.96
N GLU D 185 -18.50 -10.63 -30.26
CA GLU D 185 -18.20 -10.25 -31.64
C GLU D 185 -17.10 -11.15 -32.18
N ARG D 186 -17.16 -11.38 -33.49
CA ARG D 186 -16.11 -12.08 -34.22
C ARG D 186 -15.85 -13.43 -33.56
N THR D 187 -16.89 -14.28 -33.55
CA THR D 187 -16.74 -15.62 -32.98
C THR D 187 -15.71 -16.46 -33.75
N ALA D 188 -15.34 -16.02 -34.96
CA ALA D 188 -14.37 -16.74 -35.78
C ALA D 188 -12.98 -16.74 -35.14
N GLU D 189 -12.73 -15.85 -34.17
CA GLU D 189 -11.43 -15.73 -33.51
C GLU D 189 -11.53 -16.38 -32.14
N TYR D 190 -10.72 -17.42 -31.89
CA TYR D 190 -10.86 -18.27 -30.71
C TYR D 190 -9.58 -19.05 -30.43
N TYR D 191 -9.51 -19.57 -29.19
CA TYR D 191 -8.52 -20.53 -28.76
C TYR D 191 -9.15 -21.91 -28.71
N ARG D 192 -8.44 -22.94 -29.18
CA ARG D 192 -8.94 -24.31 -29.15
C ARG D 192 -7.91 -25.22 -28.47
N TYR D 193 -8.36 -26.09 -27.56
CA TYR D 193 -7.47 -27.09 -27.00
C TYR D 193 -8.25 -28.28 -26.44
N ARG D 194 -7.53 -29.38 -26.22
CA ARG D 194 -8.12 -30.58 -25.63
C ARG D 194 -8.00 -30.51 -24.12
N GLY D 195 -9.14 -30.58 -23.43
CA GLY D 195 -9.12 -30.50 -21.99
C GLY D 195 -10.18 -31.34 -21.32
N SER D 196 -10.72 -30.80 -20.21
CA SER D 196 -11.54 -31.58 -19.30
C SER D 196 -12.73 -30.77 -18.80
N LEU D 197 -13.70 -31.45 -18.18
CA LEU D 197 -14.64 -30.79 -17.28
C LEU D 197 -13.84 -30.10 -16.18
N THR D 198 -14.27 -28.88 -15.83
CA THR D 198 -13.58 -28.08 -14.81
C THR D 198 -14.19 -28.32 -13.44
N THR D 199 -15.18 -29.23 -13.37
CA THR D 199 -15.74 -29.67 -12.11
C THR D 199 -15.68 -31.20 -12.05
N PRO D 200 -15.74 -31.80 -10.85
CA PRO D 200 -15.86 -33.26 -10.74
C PRO D 200 -16.99 -33.74 -11.65
N PRO D 201 -16.88 -34.89 -12.36
CA PRO D 201 -15.73 -35.83 -12.22
C PRO D 201 -14.45 -35.53 -13.04
N CYS D 202 -14.39 -34.36 -13.70
CA CYS D 202 -13.17 -33.84 -14.32
C CYS D 202 -12.76 -34.69 -15.52
N ASN D 203 -13.74 -35.32 -16.18
CA ASN D 203 -13.50 -36.20 -17.32
C ASN D 203 -12.70 -35.48 -18.39
N PRO D 204 -11.58 -36.06 -18.89
CA PRO D 204 -10.77 -35.43 -19.95
C PRO D 204 -11.27 -35.62 -21.37
N THR D 205 -12.51 -35.19 -21.61
CA THR D 205 -13.27 -35.57 -22.77
C THR D 205 -13.84 -34.35 -23.48
N VAL D 206 -13.32 -33.15 -23.14
CA VAL D 206 -13.85 -31.88 -23.63
C VAL D 206 -12.92 -31.27 -24.68
N LEU D 207 -13.49 -30.96 -25.85
CA LEU D 207 -12.83 -30.06 -26.80
C LEU D 207 -13.29 -28.63 -26.54
N TRP D 208 -12.34 -27.78 -26.14
CA TRP D 208 -12.62 -26.42 -25.68
C TRP D 208 -12.42 -25.44 -26.82
N THR D 209 -13.41 -24.53 -26.95
CA THR D 209 -13.32 -23.33 -27.75
C THR D 209 -13.55 -22.12 -26.84
N VAL D 210 -12.51 -21.29 -26.62
CA VAL D 210 -12.66 -20.06 -25.85
C VAL D 210 -12.60 -18.87 -26.81
N PHE D 211 -13.68 -18.08 -26.90
CA PHE D 211 -13.68 -16.97 -27.85
C PHE D 211 -12.69 -15.89 -27.39
N ARG D 212 -12.04 -15.28 -28.38
CA ARG D 212 -10.99 -14.30 -28.12
C ARG D 212 -11.55 -13.07 -27.44
N ASN D 213 -12.77 -12.65 -27.83
CA ASN D 213 -13.30 -11.36 -27.42
C ASN D 213 -14.33 -11.57 -26.30
N PRO D 214 -14.32 -10.71 -25.25
CA PRO D 214 -15.27 -10.86 -24.17
C PRO D 214 -16.57 -10.15 -24.51
N VAL D 215 -17.60 -10.46 -23.73
CA VAL D 215 -18.83 -9.66 -23.70
C VAL D 215 -18.83 -8.80 -22.43
N GLN D 216 -19.71 -7.79 -22.44
CA GLN D 216 -19.86 -6.88 -21.31
C GLN D 216 -21.22 -7.07 -20.63
N ILE D 217 -21.21 -6.98 -19.29
CA ILE D 217 -22.41 -6.81 -18.49
C ILE D 217 -22.14 -5.68 -17.50
N SER D 218 -23.21 -5.07 -16.94
CA SER D 218 -23.07 -3.94 -16.02
C SER D 218 -22.58 -4.39 -14.65
N GLN D 219 -22.06 -3.41 -13.89
CA GLN D 219 -21.78 -3.54 -12.47
C GLN D 219 -22.96 -4.18 -11.73
N GLU D 220 -24.18 -3.65 -11.93
CA GLU D 220 -25.34 -4.14 -11.20
C GLU D 220 -25.61 -5.58 -11.58
N GLN D 221 -25.50 -5.97 -12.86
CA GLN D 221 -25.77 -7.34 -13.26
C GLN D 221 -24.74 -8.28 -12.61
N LEU D 222 -23.46 -7.86 -12.59
CA LEU D 222 -22.43 -8.73 -12.05
C LEU D 222 -22.64 -8.89 -10.55
N LEU D 223 -22.87 -7.78 -9.84
CA LEU D 223 -23.19 -7.83 -8.43
C LEU D 223 -24.44 -8.69 -8.18
N ALA D 224 -25.48 -8.54 -9.03
CA ALA D 224 -26.68 -9.36 -8.89
C ALA D 224 -26.30 -10.85 -8.90
N LEU D 225 -25.51 -11.24 -9.90
CA LEU D 225 -25.15 -12.64 -10.12
C LEU D 225 -24.34 -13.16 -8.92
N GLU D 226 -23.41 -12.34 -8.42
CA GLU D 226 -22.53 -12.74 -7.31
C GLU D 226 -23.26 -12.82 -5.96
N THR D 227 -24.46 -12.22 -5.84
CA THR D 227 -25.13 -12.10 -4.54
C THR D 227 -26.45 -12.88 -4.44
N ALA D 228 -26.94 -13.48 -5.54
CA ALA D 228 -28.30 -14.00 -5.60
C ALA D 228 -28.47 -15.41 -5.02
N LEU D 229 -27.42 -16.25 -5.08
CA LEU D 229 -27.57 -17.70 -4.97
C LEU D 229 -26.77 -18.28 -3.81
N TYR D 230 -27.25 -19.45 -3.36
CA TYR D 230 -26.67 -20.22 -2.27
C TYR D 230 -26.37 -21.64 -2.75
N CYS D 231 -25.26 -22.20 -2.26
CA CYS D 231 -24.83 -23.56 -2.57
C CYS D 231 -25.64 -24.64 -1.86
N THR D 232 -26.45 -24.22 -0.88
CA THR D 232 -27.08 -25.12 0.08
C THR D 232 -28.59 -25.12 -0.07
N HIS D 233 -29.22 -26.18 0.42
CA HIS D 233 -30.67 -26.33 0.39
C HIS D 233 -31.34 -25.31 1.33
N MET D 234 -32.58 -24.95 0.98
CA MET D 234 -33.61 -24.36 1.82
C MET D 234 -33.52 -24.75 3.31
N ASP D 235 -33.17 -25.99 3.61
CA ASP D 235 -33.23 -26.45 4.99
C ASP D 235 -31.82 -26.74 5.52
N ASP D 236 -30.80 -26.13 4.93
CA ASP D 236 -29.46 -26.32 5.45
C ASP D 236 -29.28 -25.35 6.62
N PRO D 237 -28.89 -25.85 7.82
CA PRO D 237 -28.60 -24.97 8.95
C PRO D 237 -27.33 -24.16 8.73
N SER D 238 -26.46 -24.63 7.82
CA SER D 238 -25.18 -24.00 7.59
C SER D 238 -25.09 -23.45 6.17
N PRO D 239 -25.86 -22.38 5.83
CA PRO D 239 -25.94 -21.88 4.45
C PRO D 239 -24.60 -21.35 3.95
N ARG D 240 -24.34 -21.52 2.64
CA ARG D 240 -23.12 -21.04 2.02
C ARG D 240 -23.48 -20.27 0.76
N GLU D 241 -23.02 -19.02 0.68
CA GLU D 241 -23.21 -18.18 -0.50
C GLU D 241 -22.45 -18.78 -1.70
N MET D 242 -23.11 -18.76 -2.87
CA MET D 242 -22.49 -19.26 -4.10
C MET D 242 -21.62 -18.15 -4.71
N ILE D 243 -20.33 -18.19 -4.36
CA ILE D 243 -19.31 -17.23 -4.77
C ILE D 243 -18.03 -17.99 -5.08
N ASN D 244 -17.18 -17.43 -5.95
CA ASN D 244 -15.87 -18.00 -6.24
C ASN D 244 -16.04 -19.43 -6.75
N ASN D 245 -17.05 -19.64 -7.62
CA ASN D 245 -17.32 -20.97 -8.13
C ASN D 245 -16.55 -21.20 -9.44
N PHE D 246 -15.23 -21.04 -9.37
CA PHE D 246 -14.32 -21.26 -10.49
C PHE D 246 -13.14 -22.07 -10.00
N ARG D 247 -12.55 -22.91 -10.88
CA ARG D 247 -11.35 -23.70 -10.61
C ARG D 247 -10.13 -22.84 -10.91
N GLN D 248 -9.08 -22.96 -10.08
CA GLN D 248 -7.76 -22.42 -10.39
C GLN D 248 -7.23 -23.02 -11.70
N VAL D 249 -6.37 -22.25 -12.39
CA VAL D 249 -5.77 -22.71 -13.63
C VAL D 249 -4.82 -23.88 -13.34
N GLN D 250 -4.73 -24.77 -14.35
CA GLN D 250 -4.00 -26.03 -14.24
C GLN D 250 -2.65 -25.88 -14.97
N LYS D 251 -1.68 -26.71 -14.55
CA LYS D 251 -0.46 -26.90 -15.30
C LYS D 251 -0.82 -27.31 -16.71
N PHE D 252 -0.03 -26.80 -17.66
CA PHE D 252 -0.17 -27.10 -19.08
C PHE D 252 1.24 -27.26 -19.62
N ASP D 253 1.77 -28.47 -19.42
CA ASP D 253 3.14 -28.82 -19.77
C ASP D 253 3.12 -29.71 -21.02
N GLU D 254 3.98 -29.38 -21.98
CA GLU D 254 4.27 -30.24 -23.13
C GLU D 254 3.02 -30.40 -23.99
N ARG D 255 2.35 -29.28 -24.29
CA ARG D 255 1.04 -29.29 -24.94
C ARG D 255 0.73 -27.93 -25.54
N LEU D 256 -0.27 -27.90 -26.43
CA LEU D 256 -0.49 -26.70 -27.24
C LEU D 256 -1.95 -26.29 -27.27
N VAL D 257 -2.14 -24.96 -27.27
CA VAL D 257 -3.40 -24.33 -27.57
C VAL D 257 -3.26 -23.72 -28.95
N TYR D 258 -4.29 -23.90 -29.78
CA TYR D 258 -4.28 -23.51 -31.18
C TYR D 258 -5.22 -22.33 -31.32
N THR D 259 -4.78 -21.29 -32.05
CA THR D 259 -5.59 -20.10 -32.22
C THR D 259 -6.03 -20.00 -33.67
N SER D 260 -7.22 -19.39 -33.88
CA SER D 260 -7.76 -19.20 -35.22
C SER D 260 -7.34 -17.85 -35.78
N PHE D 261 -6.55 -17.10 -35.00
CA PHE D 261 -6.04 -15.80 -35.40
C PHE D 261 -4.53 -15.76 -35.23
N SER D 262 -3.84 -14.91 -36.02
CA SER D 262 -2.39 -14.82 -36.01
C SER D 262 -1.94 -13.38 -35.75
#